data_9EBE
#
_entry.id   9EBE
#
_cell.length_a   1.000
_cell.length_b   1.000
_cell.length_c   1.000
_cell.angle_alpha   90.00
_cell.angle_beta   90.00
_cell.angle_gamma   90.00
#
_symmetry.space_group_name_H-M   'P 1'
#
_entity_poly.entity_id   1
_entity_poly.type   'polypeptide(L)'
_entity_poly.pdbx_seq_one_letter_code
;GCTRTCGG(HYP)KCTGTCTCTNSSKCGCRYNVHPSG(BTR)GCGCACS(NH2)
;
_entity_poly.pdbx_strand_id   A
#
# COMPACT_ATOMS: atom_id res chain seq x y z
N GLY A 1 -13.32 -10.12 -4.75
CA GLY A 1 -11.87 -10.04 -4.74
C GLY A 1 -11.37 -8.84 -3.97
N CYS A 2 -10.06 -8.80 -3.73
CA CYS A 2 -9.46 -7.68 -3.00
C CYS A 2 -9.45 -6.41 -3.84
N THR A 3 -8.83 -5.36 -3.32
CA THR A 3 -8.75 -4.08 -4.01
C THR A 3 -7.45 -3.36 -3.70
N ARG A 4 -6.89 -2.69 -4.69
CA ARG A 4 -5.65 -1.95 -4.51
C ARG A 4 -5.59 -0.74 -5.45
N THR A 5 -5.52 0.44 -4.87
CA THR A 5 -5.45 1.68 -5.65
C THR A 5 -4.53 2.69 -5.00
N CYS A 6 -3.68 3.33 -5.81
CA CYS A 6 -2.75 4.33 -5.31
C CYS A 6 -2.53 5.43 -6.34
N GLY A 7 -1.81 6.47 -5.94
CA GLY A 7 -1.53 7.57 -6.84
C GLY A 7 -1.71 8.92 -6.17
N GLY A 8 -1.33 9.01 -4.90
CA GLY A 8 -1.45 10.26 -4.18
C GLY A 8 -0.30 11.21 -4.43
N LYS A 10 2.38 12.57 -2.05
CA LYS A 10 3.62 12.05 -1.49
C LYS A 10 3.63 10.53 -1.50
N CYS A 11 3.36 9.95 -2.67
CA CYS A 11 3.33 8.50 -2.82
C CYS A 11 2.46 7.87 -1.76
N THR A 12 1.16 7.76 -2.05
CA THR A 12 0.21 7.16 -1.11
C THR A 12 -0.95 6.50 -1.86
N GLY A 13 -1.93 6.02 -1.10
CA GLY A 13 -3.08 5.37 -1.70
C GLY A 13 -3.89 4.57 -0.69
N THR A 14 -4.84 3.79 -1.20
CA THR A 14 -5.68 2.98 -0.33
C THR A 14 -5.75 1.54 -0.83
N CYS A 15 -5.89 0.59 0.10
CA CYS A 15 -5.97 -0.82 -0.25
C CYS A 15 -6.88 -1.56 0.73
N THR A 16 -7.60 -2.56 0.21
CA THR A 16 -8.51 -3.34 1.03
C THR A 16 -8.54 -4.80 0.57
N CYS A 17 -8.18 -5.71 1.47
CA CYS A 17 -8.16 -7.13 1.16
C CYS A 17 -8.76 -7.94 2.30
N THR A 18 -9.77 -8.74 1.99
CA THR A 18 -10.44 -9.58 2.99
C THR A 18 -9.42 -10.40 3.77
N ASN A 19 -8.37 -10.84 3.09
CA ASN A 19 -7.33 -11.64 3.72
C ASN A 19 -6.74 -10.91 4.93
N SER A 20 -6.62 -9.60 4.83
CA SER A 20 -6.08 -8.78 5.91
C SER A 20 -7.13 -7.80 6.42
N SER A 21 -6.69 -6.90 7.30
CA SER A 21 -7.59 -5.90 7.88
C SER A 21 -7.07 -4.49 7.61
N LYS A 22 -6.03 -4.10 8.33
CA LYS A 22 -5.44 -2.77 8.17
C LYS A 22 -4.54 -2.73 6.94
N CYS A 23 -5.12 -2.37 5.79
CA CYS A 23 -4.37 -2.28 4.55
C CYS A 23 -4.18 -0.83 4.14
N GLY A 24 -3.37 -0.62 3.10
CA GLY A 24 -3.11 0.72 2.62
C GLY A 24 -1.81 0.82 1.85
N CYS A 25 -1.55 1.99 1.27
CA CYS A 25 -0.33 2.21 0.50
C CYS A 25 0.76 2.83 1.37
N ARG A 26 2.00 2.40 1.14
CA ARG A 26 3.13 2.91 1.90
C ARG A 26 4.29 3.27 0.97
N TYR A 27 5.10 4.23 1.40
CA TYR A 27 6.24 4.68 0.60
C TYR A 27 7.56 4.27 1.27
N ASN A 28 8.40 3.58 0.51
CA ASN A 28 9.69 3.13 1.03
C ASN A 28 10.82 4.06 0.56
N VAL A 29 11.60 4.56 1.50
CA VAL A 29 12.71 5.45 1.20
C VAL A 29 14.03 4.87 1.68
N HIS A 30 14.15 3.55 1.63
CA HIS A 30 15.36 2.87 2.06
C HIS A 30 16.35 2.72 0.90
N PRO A 31 17.62 2.49 1.23
CA PRO A 31 18.68 2.32 0.24
C PRO A 31 18.54 1.02 -0.54
N SER A 32 18.03 -0.02 0.12
CA SER A 32 17.86 -1.32 -0.51
C SER A 32 16.57 -1.35 -1.32
N GLY A 33 16.45 -0.43 -2.28
CA GLY A 33 15.27 -0.37 -3.11
C GLY A 33 14.20 0.54 -2.54
N GLY A 35 10.47 2.98 -3.24
CA GLY A 35 9.24 2.99 -4.01
C GLY A 35 8.01 2.91 -3.13
N CYS A 36 6.87 3.31 -3.66
CA CYS A 36 5.61 3.27 -2.92
C CYS A 36 4.65 2.26 -3.54
N GLY A 37 4.03 1.45 -2.67
CA GLY A 37 3.09 0.45 -3.15
C GLY A 37 2.02 0.12 -2.12
N CYS A 38 1.24 -0.91 -2.40
CA CYS A 38 0.17 -1.33 -1.48
C CYS A 38 0.64 -2.46 -0.58
N ALA A 39 0.53 -2.25 0.73
CA ALA A 39 0.94 -3.26 1.70
C ALA A 39 0.10 -3.17 2.97
N CYS A 40 -0.30 -4.32 3.50
CA CYS A 40 -1.10 -4.37 4.70
C CYS A 40 -0.25 -4.75 5.91
N SER A 41 -0.78 -4.52 7.11
CA SER A 41 -0.08 -4.82 8.34
C SER A 41 -1.04 -5.26 9.43
N GLY A 1 -12.84 -9.46 -5.04
CA GLY A 1 -12.07 -9.71 -3.83
C GLY A 1 -11.38 -8.45 -3.33
N CYS A 2 -10.07 -8.56 -3.13
CA CYS A 2 -9.28 -7.43 -2.64
C CYS A 2 -9.29 -6.29 -3.66
N THR A 3 -8.64 -5.18 -3.30
CA THR A 3 -8.57 -4.02 -4.17
C THR A 3 -7.44 -3.08 -3.76
N ARG A 4 -6.40 -3.02 -4.59
CA ARG A 4 -5.25 -2.17 -4.31
C ARG A 4 -5.18 -1.02 -5.31
N THR A 5 -5.15 0.21 -4.79
CA THR A 5 -5.08 1.39 -5.64
C THR A 5 -4.20 2.47 -5.00
N CYS A 6 -3.34 3.07 -5.81
CA CYS A 6 -2.44 4.12 -5.33
C CYS A 6 -2.20 5.17 -6.41
N GLY A 7 -1.58 6.28 -6.02
CA GLY A 7 -1.31 7.35 -6.96
C GLY A 7 -1.54 8.72 -6.37
N GLY A 8 -1.18 8.88 -5.10
CA GLY A 8 -1.36 10.16 -4.43
C GLY A 8 -0.19 11.10 -4.66
N LYS A 10 2.33 12.61 -2.18
CA LYS A 10 3.54 12.12 -1.52
C LYS A 10 3.54 10.59 -1.45
N CYS A 11 3.35 9.96 -2.60
CA CYS A 11 3.34 8.50 -2.68
C CYS A 11 2.39 7.91 -1.64
N THR A 12 1.12 7.77 -2.01
CA THR A 12 0.12 7.23 -1.12
C THR A 12 -0.95 6.47 -1.89
N GLY A 13 -1.94 5.93 -1.17
CA GLY A 13 -3.01 5.21 -1.80
C GLY A 13 -3.86 4.43 -0.81
N THR A 14 -4.88 3.74 -1.31
CA THR A 14 -5.76 2.96 -0.45
C THR A 14 -5.82 1.50 -0.91
N CYS A 15 -5.99 0.60 0.04
CA CYS A 15 -6.06 -0.82 -0.25
C CYS A 15 -7.02 -1.54 0.70
N THR A 16 -7.72 -2.55 0.18
CA THR A 16 -8.67 -3.30 0.98
C THR A 16 -8.68 -4.77 0.58
N CYS A 17 -8.36 -5.65 1.54
CA CYS A 17 -8.34 -7.08 1.28
C CYS A 17 -8.95 -7.85 2.44
N THR A 18 -9.96 -8.66 2.15
CA THR A 18 -10.63 -9.45 3.17
C THR A 18 -9.63 -10.27 3.98
N ASN A 19 -8.59 -10.74 3.31
CA ASN A 19 -7.55 -11.54 3.97
C ASN A 19 -6.97 -10.80 5.17
N SER A 20 -6.85 -9.48 5.05
CA SER A 20 -6.31 -8.65 6.12
C SER A 20 -7.34 -7.61 6.58
N SER A 21 -6.90 -6.68 7.40
CA SER A 21 -7.78 -5.64 7.93
C SER A 21 -7.14 -4.26 7.75
N LYS A 22 -5.96 -4.08 8.31
CA LYS A 22 -5.25 -2.81 8.23
C LYS A 22 -4.43 -2.74 6.93
N CYS A 23 -5.09 -2.37 5.84
CA CYS A 23 -4.43 -2.26 4.54
C CYS A 23 -4.14 -0.80 4.21
N GLY A 24 -3.39 -0.59 3.12
CA GLY A 24 -3.06 0.76 2.70
C GLY A 24 -1.76 0.81 1.91
N CYS A 25 -1.46 1.99 1.36
CA CYS A 25 -0.25 2.17 0.57
C CYS A 25 0.87 2.76 1.42
N ARG A 26 2.05 2.14 1.36
CA ARG A 26 3.20 2.60 2.12
C ARG A 26 4.32 3.03 1.19
N TYR A 27 5.06 4.06 1.59
CA TYR A 27 6.16 4.57 0.79
C TYR A 27 7.50 4.15 1.39
N ASN A 28 8.35 3.53 0.56
CA ASN A 28 9.66 3.08 1.01
C ASN A 28 10.74 4.09 0.64
N VAL A 29 11.52 4.50 1.63
CA VAL A 29 12.59 5.46 1.41
C VAL A 29 13.94 4.91 1.86
N HIS A 30 14.12 3.60 1.70
CA HIS A 30 15.36 2.94 2.11
C HIS A 30 16.34 2.87 0.93
N PRO A 31 17.62 2.65 1.24
CA PRO A 31 18.67 2.55 0.23
C PRO A 31 18.56 1.28 -0.60
N SER A 32 18.09 0.21 0.01
CA SER A 32 17.94 -1.07 -0.67
C SER A 32 16.64 -1.10 -1.47
N GLY A 33 16.48 -0.14 -2.37
CA GLY A 33 15.28 -0.08 -3.19
C GLY A 33 14.20 0.79 -2.56
N GLY A 35 10.40 3.17 -3.13
CA GLY A 35 9.16 3.18 -3.88
C GLY A 35 7.95 2.95 -2.99
N CYS A 36 6.79 3.39 -3.47
CA CYS A 36 5.55 3.23 -2.71
C CYS A 36 4.64 2.21 -3.37
N GLY A 37 3.89 1.48 -2.56
CA GLY A 37 2.98 0.47 -3.09
C GLY A 37 1.95 0.01 -2.07
N CYS A 38 0.93 -0.68 -2.54
CA CYS A 38 -0.13 -1.18 -1.66
C CYS A 38 0.38 -2.35 -0.81
N ALA A 39 0.31 -2.20 0.50
CA ALA A 39 0.75 -3.24 1.42
C ALA A 39 -0.04 -3.19 2.72
N CYS A 40 -0.49 -4.36 3.17
CA CYS A 40 -1.26 -4.46 4.40
C CYS A 40 -0.40 -4.98 5.55
N SER A 41 -0.87 -4.79 6.78
CA SER A 41 -0.13 -5.24 7.95
C SER A 41 -0.65 -6.60 8.43
N GLY A 1 -13.02 -9.50 -4.83
CA GLY A 1 -11.98 -9.78 -3.87
C GLY A 1 -11.33 -8.51 -3.34
N CYS A 2 -10.02 -8.57 -3.13
CA CYS A 2 -9.27 -7.43 -2.62
C CYS A 2 -9.27 -6.29 -3.63
N THR A 3 -8.63 -5.18 -3.28
CA THR A 3 -8.56 -4.02 -4.16
C THR A 3 -7.43 -3.08 -3.75
N ARG A 4 -6.39 -3.02 -4.57
CA ARG A 4 -5.24 -2.17 -4.29
C ARG A 4 -5.17 -1.02 -5.29
N THR A 5 -5.15 0.21 -4.77
CA THR A 5 -5.08 1.40 -5.61
C THR A 5 -4.20 2.47 -4.98
N CYS A 6 -3.34 3.08 -5.79
CA CYS A 6 -2.44 4.12 -5.31
C CYS A 6 -2.21 5.17 -6.39
N GLY A 7 -1.59 6.29 -6.00
CA GLY A 7 -1.31 7.36 -6.95
C GLY A 7 -1.55 8.73 -6.36
N GLY A 8 -1.18 8.89 -5.08
CA GLY A 8 -1.36 10.16 -4.41
C GLY A 8 -0.19 11.10 -4.64
N LYS A 10 2.34 12.61 -2.17
CA LYS A 10 3.54 12.12 -1.51
C LYS A 10 3.55 10.59 -1.45
N CYS A 11 3.37 9.96 -2.60
CA CYS A 11 3.34 8.51 -2.68
C CYS A 11 2.41 7.92 -1.64
N THR A 12 1.14 7.77 -2.01
CA THR A 12 0.14 7.22 -1.10
C THR A 12 -0.95 6.48 -1.88
N GLY A 13 -1.93 5.94 -1.15
CA GLY A 13 -3.00 5.21 -1.78
C GLY A 13 -3.84 4.42 -0.78
N THR A 14 -4.87 3.75 -1.29
CA THR A 14 -5.75 2.95 -0.43
C THR A 14 -5.81 1.51 -0.89
N CYS A 15 -5.97 0.60 0.07
CA CYS A 15 -6.04 -0.83 -0.24
C CYS A 15 -7.00 -1.54 0.71
N THR A 16 -7.70 -2.54 0.21
CA THR A 16 -8.65 -3.30 1.01
C THR A 16 -8.67 -4.77 0.60
N CYS A 17 -8.36 -5.65 1.55
CA CYS A 17 -8.33 -7.08 1.29
C CYS A 17 -8.93 -7.86 2.46
N THR A 18 -9.95 -8.66 2.16
CA THR A 18 -10.62 -9.46 3.19
C THR A 18 -9.61 -10.28 3.98
N ASN A 19 -8.56 -10.76 3.30
CA ASN A 19 -7.53 -11.55 3.94
C ASN A 19 -6.94 -10.82 5.14
N SER A 20 -6.82 -9.51 5.04
CA SER A 20 -6.28 -8.69 6.10
C SER A 20 -7.29 -7.65 6.57
N SER A 21 -6.84 -6.73 7.41
CA SER A 21 -7.71 -5.68 7.93
C SER A 21 -7.08 -4.31 7.74
N LYS A 22 -5.91 -4.09 8.35
CA LYS A 22 -5.22 -2.82 8.24
C LYS A 22 -4.41 -2.76 6.95
N CYS A 23 -5.06 -2.37 5.86
CA CYS A 23 -4.40 -2.26 4.56
C CYS A 23 -4.11 -0.80 4.22
N GLY A 24 -3.37 -0.60 3.13
CA GLY A 24 -3.04 0.75 2.71
C GLY A 24 -1.76 0.81 1.90
N CYS A 25 -1.45 1.98 1.37
CA CYS A 25 -0.24 2.16 0.58
C CYS A 25 0.88 2.75 1.42
N ARG A 26 2.06 2.14 1.35
CA ARG A 26 3.22 2.60 2.11
C ARG A 26 4.34 3.02 1.18
N TYR A 27 5.07 4.06 1.58
CA TYR A 27 6.17 4.57 0.77
C TYR A 27 7.51 4.15 1.37
N ASN A 28 8.35 3.53 0.55
CA ASN A 28 9.68 3.08 1.00
C ASN A 28 10.75 4.09 0.62
N VAL A 29 11.54 4.50 1.62
CA VAL A 29 12.61 5.46 1.39
C VAL A 29 13.95 4.92 1.86
N HIS A 30 14.13 3.61 1.69
CA HIS A 30 15.38 2.95 2.09
C HIS A 30 16.35 2.87 0.91
N PRO A 31 17.64 2.66 1.22
CA PRO A 31 18.69 2.56 0.21
C PRO A 31 18.58 1.29 -0.63
N SER A 32 18.10 0.22 -0.01
CA SER A 32 17.95 -1.06 -0.69
C SER A 32 16.65 -1.09 -1.49
N GLY A 33 16.50 -0.12 -2.40
CA GLY A 33 15.30 -0.06 -3.21
C GLY A 33 14.21 0.79 -2.58
N GLY A 35 10.41 3.17 -3.14
CA GLY A 35 9.17 3.19 -3.89
C GLY A 35 7.96 2.96 -3.01
N CYS A 36 6.80 3.40 -3.47
CA CYS A 36 5.55 3.24 -2.72
C CYS A 36 4.65 2.21 -3.39
N GLY A 37 3.89 1.48 -2.57
CA GLY A 37 2.99 0.48 -3.10
C GLY A 37 1.96 0.02 -2.08
N CYS A 38 0.93 -0.68 -2.54
CA CYS A 38 -0.12 -1.17 -1.66
C CYS A 38 0.38 -2.35 -0.83
N ALA A 39 0.32 -2.20 0.49
CA ALA A 39 0.76 -3.25 1.40
C ALA A 39 -0.03 -3.21 2.71
N CYS A 40 -0.47 -4.38 3.16
CA CYS A 40 -1.24 -4.48 4.39
C CYS A 40 -0.37 -5.00 5.53
N SER A 41 -0.84 -4.82 6.76
CA SER A 41 -0.12 -5.26 7.94
C SER A 41 -0.44 -6.72 8.27
N GLY A 1 -11.49 -11.22 -4.93
CA GLY A 1 -10.15 -10.68 -4.89
C GLY A 1 -10.07 -9.35 -4.19
N CYS A 2 -8.94 -9.08 -3.55
CA CYS A 2 -8.74 -7.82 -2.83
C CYS A 2 -8.63 -6.65 -3.80
N THR A 3 -8.59 -5.44 -3.25
CA THR A 3 -8.48 -4.24 -4.07
C THR A 3 -7.29 -3.40 -3.64
N ARG A 4 -6.68 -2.71 -4.61
CA ARG A 4 -5.53 -1.87 -4.34
C ARG A 4 -5.47 -0.69 -5.32
N THR A 5 -5.38 0.52 -4.77
CA THR A 5 -5.32 1.71 -5.60
C THR A 5 -4.45 2.78 -4.95
N CYS A 6 -3.59 3.41 -5.75
CA CYS A 6 -2.70 4.45 -5.26
C CYS A 6 -2.47 5.53 -6.31
N GLY A 7 -1.81 6.61 -5.92
CA GLY A 7 -1.53 7.69 -6.85
C GLY A 7 -1.68 9.05 -6.21
N GLY A 8 -1.24 9.16 -4.95
CA GLY A 8 -1.34 10.42 -4.25
C GLY A 8 -0.15 11.32 -4.49
N LYS A 10 2.53 12.64 -2.08
CA LYS A 10 3.74 12.09 -1.48
C LYS A 10 3.69 10.57 -1.45
N CYS A 11 3.43 9.97 -2.61
CA CYS A 11 3.35 8.52 -2.73
C CYS A 11 2.41 7.94 -1.67
N THR A 12 1.12 7.87 -1.99
CA THR A 12 0.14 7.33 -1.06
C THR A 12 -1.01 6.67 -1.81
N GLY A 13 -1.99 6.16 -1.06
CA GLY A 13 -3.12 5.51 -1.67
C GLY A 13 -3.95 4.71 -0.67
N THR A 14 -4.90 3.94 -1.17
CA THR A 14 -5.75 3.13 -0.32
C THR A 14 -5.82 1.69 -0.81
N CYS A 15 -5.98 0.75 0.12
CA CYS A 15 -6.05 -0.67 -0.23
C CYS A 15 -6.97 -1.41 0.74
N THR A 16 -7.65 -2.44 0.23
CA THR A 16 -8.56 -3.24 1.04
C THR A 16 -8.53 -4.70 0.63
N CYS A 17 -8.17 -5.56 1.57
CA CYS A 17 -8.10 -7.00 1.30
C CYS A 17 -8.81 -7.79 2.40
N THR A 18 -9.78 -8.60 2.01
CA THR A 18 -10.55 -9.41 2.96
C THR A 18 -9.61 -10.22 3.85
N ASN A 19 -8.50 -10.67 3.28
CA ASN A 19 -7.53 -11.46 4.02
C ASN A 19 -7.04 -10.70 5.26
N SER A 20 -6.90 -9.38 5.12
CA SER A 20 -6.44 -8.55 6.22
C SER A 20 -7.52 -7.54 6.62
N SER A 21 -7.14 -6.59 7.47
CA SER A 21 -8.07 -5.57 7.94
C SER A 21 -7.46 -4.18 7.82
N LYS A 22 -6.22 -4.06 8.28
CA LYS A 22 -5.51 -2.78 8.24
C LYS A 22 -4.62 -2.69 7.00
N CYS A 23 -5.20 -2.28 5.88
CA CYS A 23 -4.46 -2.15 4.63
C CYS A 23 -4.20 -0.68 4.30
N GLY A 24 -3.40 -0.46 3.26
CA GLY A 24 -3.08 0.91 2.86
C GLY A 24 -1.80 0.99 2.06
N CYS A 25 -1.58 2.13 1.41
CA CYS A 25 -0.39 2.34 0.59
C CYS A 25 0.75 2.92 1.43
N ARG A 26 1.93 2.34 1.30
CA ARG A 26 3.09 2.81 2.04
C ARG A 26 4.24 3.17 1.10
N TYR A 27 5.00 4.19 1.46
CA TYR A 27 6.13 4.64 0.65
C TYR A 27 7.45 4.18 1.24
N ASN A 28 8.26 3.51 0.41
CA ASN A 28 9.55 3.01 0.85
C ASN A 28 10.66 3.99 0.48
N VAL A 29 11.48 4.34 1.46
CA VAL A 29 12.59 5.26 1.25
C VAL A 29 13.91 4.67 1.72
N HIS A 30 14.04 3.36 1.57
CA HIS A 30 15.26 2.66 1.98
C HIS A 30 16.23 2.54 0.82
N PRO A 31 17.51 2.28 1.14
CA PRO A 31 18.58 2.14 0.14
C PRO A 31 18.42 0.87 -0.70
N SER A 32 17.90 -0.18 -0.07
CA SER A 32 17.72 -1.46 -0.74
C SER A 32 16.42 -1.45 -1.55
N GLY A 33 16.29 -0.49 -2.45
CA GLY A 33 15.09 -0.39 -3.28
C GLY A 33 14.03 0.50 -2.66
N GLY A 35 10.32 3.01 -3.24
CA GLY A 35 9.07 3.04 -3.99
C GLY A 35 7.86 2.85 -3.10
N CYS A 36 6.71 3.34 -3.55
CA CYS A 36 5.47 3.22 -2.80
C CYS A 36 4.55 2.20 -3.44
N GLY A 37 3.82 1.46 -2.61
CA GLY A 37 2.89 0.46 -3.11
C GLY A 37 1.82 0.10 -2.11
N CYS A 38 0.97 -0.86 -2.46
CA CYS A 38 -0.11 -1.29 -1.58
C CYS A 38 0.33 -2.46 -0.71
N ALA A 39 0.27 -2.27 0.60
CA ALA A 39 0.66 -3.31 1.55
C ALA A 39 -0.13 -3.19 2.85
N CYS A 40 -0.54 -4.34 3.39
CA CYS A 40 -1.31 -4.37 4.64
C CYS A 40 -0.43 -4.82 5.80
N SER A 41 -0.89 -4.56 7.01
CA SER A 41 -0.16 -4.94 8.22
C SER A 41 -0.55 -6.35 8.67
N GLY A 1 -12.78 -10.02 -3.84
CA GLY A 1 -11.54 -9.54 -4.42
C GLY A 1 -10.99 -8.33 -3.68
N CYS A 2 -9.68 -8.29 -3.52
CA CYS A 2 -9.03 -7.18 -2.82
C CYS A 2 -9.27 -5.87 -3.56
N THR A 3 -8.67 -4.79 -3.05
CA THR A 3 -8.81 -3.47 -3.65
C THR A 3 -7.61 -2.60 -3.38
N ARG A 4 -7.08 -1.97 -4.43
CA ARG A 4 -5.92 -1.10 -4.29
C ARG A 4 -6.04 0.11 -5.21
N THR A 5 -6.02 1.30 -4.61
CA THR A 5 -6.13 2.54 -5.36
C THR A 5 -5.27 3.63 -4.75
N CYS A 6 -4.54 4.36 -5.60
CA CYS A 6 -3.67 5.44 -5.13
C CYS A 6 -3.66 6.59 -6.14
N GLY A 7 -3.16 7.74 -5.71
CA GLY A 7 -3.10 8.90 -6.57
C GLY A 7 -2.69 10.15 -5.84
N GLY A 8 -1.79 10.00 -4.86
CA GLY A 8 -1.33 11.14 -4.09
C GLY A 8 0.04 11.61 -4.51
N LYS A 10 3.37 11.72 -2.60
CA LYS A 10 4.39 10.74 -2.26
C LYS A 10 3.83 9.33 -2.30
N CYS A 11 3.19 8.98 -3.42
CA CYS A 11 2.60 7.66 -3.57
C CYS A 11 1.73 7.29 -2.37
N THR A 12 0.49 7.77 -2.37
CA THR A 12 -0.43 7.50 -1.28
C THR A 12 -1.78 7.03 -1.81
N GLY A 13 -2.53 6.31 -0.97
CA GLY A 13 -3.83 5.81 -1.38
C GLY A 13 -4.43 4.87 -0.35
N THR A 14 -5.49 4.16 -0.75
CA THR A 14 -6.16 3.23 0.14
C THR A 14 -6.19 1.83 -0.45
N CYS A 15 -6.11 0.82 0.41
CA CYS A 15 -6.12 -0.57 -0.04
C CYS A 15 -6.84 -1.45 0.98
N THR A 16 -7.52 -2.49 0.49
CA THR A 16 -8.25 -3.40 1.35
C THR A 16 -8.19 -4.83 0.81
N CYS A 17 -7.67 -5.75 1.62
CA CYS A 17 -7.56 -7.15 1.23
C CYS A 17 -8.07 -8.06 2.33
N THR A 18 -9.03 -8.91 1.99
CA THR A 18 -9.61 -9.84 2.95
C THR A 18 -8.52 -10.64 3.65
N ASN A 19 -7.47 -10.97 2.91
CA ASN A 19 -6.35 -11.74 3.46
C ASN A 19 -5.84 -11.11 4.75
N SER A 20 -5.86 -9.78 4.80
CA SER A 20 -5.39 -9.06 5.98
C SER A 20 -6.47 -8.11 6.50
N SER A 21 -6.09 -7.25 7.43
CA SER A 21 -7.02 -6.29 8.01
C SER A 21 -6.62 -4.86 7.66
N LYS A 22 -5.53 -4.40 8.27
CA LYS A 22 -5.03 -3.05 8.03
C LYS A 22 -4.20 -3.00 6.75
N CYS A 23 -4.79 -2.46 5.69
CA CYS A 23 -4.10 -2.34 4.41
C CYS A 23 -4.11 -0.91 3.91
N GLY A 24 -3.28 -0.62 2.92
CA GLY A 24 -3.20 0.72 2.38
C GLY A 24 -1.91 0.97 1.63
N CYS A 25 -1.90 2.00 0.78
CA CYS A 25 -0.72 2.35 0.00
C CYS A 25 0.46 2.65 0.92
N ARG A 26 1.61 2.06 0.61
CA ARG A 26 2.81 2.27 1.41
C ARG A 26 4.01 2.55 0.50
N TYR A 27 4.76 3.60 0.83
CA TYR A 27 5.93 3.98 0.06
C TYR A 27 7.21 3.76 0.85
N ASN A 28 8.17 3.07 0.26
CA ASN A 28 9.44 2.80 0.92
C ASN A 28 10.52 3.74 0.42
N VAL A 29 11.14 4.48 1.35
CA VAL A 29 12.20 5.42 1.01
C VAL A 29 13.50 5.06 1.71
N HIS A 30 13.73 3.76 1.89
CA HIS A 30 14.94 3.29 2.55
C HIS A 30 16.03 2.98 1.52
N PRO A 31 17.29 2.92 1.99
CA PRO A 31 18.44 2.64 1.14
C PRO A 31 18.45 1.20 0.63
N SER A 32 17.93 0.28 1.43
CA SER A 32 17.88 -1.12 1.06
C SER A 32 16.70 -1.40 0.15
N GLY A 33 16.65 -0.69 -0.98
CA GLY A 33 15.56 -0.88 -1.93
C GLY A 33 14.38 0.03 -1.65
N GLY A 35 10.70 2.10 -3.19
CA GLY A 35 9.59 1.92 -4.12
C GLY A 35 8.24 2.06 -3.44
N CYS A 36 7.22 2.37 -4.23
CA CYS A 36 5.86 2.53 -3.70
C CYS A 36 4.95 1.39 -4.17
N GLY A 37 4.09 0.92 -3.29
CA GLY A 37 3.18 -0.16 -3.63
C GLY A 37 2.13 -0.38 -2.56
N CYS A 38 1.05 -1.06 -2.94
CA CYS A 38 -0.05 -1.35 -2.02
C CYS A 38 0.22 -2.64 -1.25
N ALA A 39 0.25 -2.55 0.07
CA ALA A 39 0.48 -3.71 0.92
C ALA A 39 -0.22 -3.57 2.26
N CYS A 40 -0.24 -4.65 3.04
CA CYS A 40 -0.87 -4.64 4.35
C CYS A 40 0.16 -4.77 5.46
N SER A 41 -0.25 -4.46 6.68
CA SER A 41 0.64 -4.55 7.84
C SER A 41 -0.13 -4.94 9.10
N GLY A 1 -12.28 -9.53 -5.28
CA GLY A 1 -11.28 -9.75 -4.26
C GLY A 1 -10.88 -8.47 -3.54
N CYS A 2 -9.59 -8.24 -3.39
CA CYS A 2 -9.08 -7.05 -2.73
C CYS A 2 -9.38 -5.79 -3.55
N THR A 3 -9.07 -4.63 -2.97
CA THR A 3 -9.31 -3.36 -3.65
C THR A 3 -8.23 -2.34 -3.30
N ARG A 4 -7.37 -2.05 -4.27
CA ARG A 4 -6.29 -1.09 -4.06
C ARG A 4 -6.45 0.12 -4.98
N THR A 5 -6.11 1.30 -4.46
CA THR A 5 -6.21 2.53 -5.23
C THR A 5 -5.30 3.61 -4.67
N CYS A 6 -4.59 4.30 -5.56
CA CYS A 6 -3.67 5.36 -5.15
C CYS A 6 -3.65 6.48 -6.18
N GLY A 7 -3.12 7.63 -5.78
CA GLY A 7 -3.05 8.77 -6.69
C GLY A 7 -2.65 10.05 -5.97
N GLY A 8 -1.77 9.94 -4.99
CA GLY A 8 -1.33 11.09 -4.24
C GLY A 8 0.05 11.57 -4.66
N LYS A 10 3.35 11.72 -2.70
CA LYS A 10 4.37 10.75 -2.34
C LYS A 10 3.81 9.34 -2.35
N CYS A 11 3.18 8.97 -3.46
CA CYS A 11 2.60 7.64 -3.61
C CYS A 11 1.73 7.30 -2.40
N THR A 12 0.49 7.79 -2.42
CA THR A 12 -0.44 7.53 -1.32
C THR A 12 -1.79 7.03 -1.86
N GLY A 13 -2.54 6.35 -0.99
CA GLY A 13 -3.83 5.82 -1.39
C GLY A 13 -4.41 4.88 -0.36
N THR A 14 -5.49 4.19 -0.73
CA THR A 14 -6.15 3.26 0.17
C THR A 14 -6.20 1.86 -0.44
N CYS A 15 -6.12 0.85 0.42
CA CYS A 15 -6.15 -0.54 -0.03
C CYS A 15 -6.87 -1.43 1.00
N THR A 16 -7.55 -2.45 0.51
CA THR A 16 -8.28 -3.37 1.38
C THR A 16 -8.23 -4.79 0.84
N CYS A 17 -7.68 -5.71 1.63
CA CYS A 17 -7.57 -7.11 1.23
C CYS A 17 -8.10 -8.02 2.33
N THR A 18 -9.07 -8.85 1.98
CA THR A 18 -9.66 -9.79 2.94
C THR A 18 -8.58 -10.61 3.65
N ASN A 19 -7.51 -10.94 2.91
CA ASN A 19 -6.42 -11.72 3.47
C ASN A 19 -5.91 -11.10 4.77
N SER A 20 -5.91 -9.76 4.82
CA SER A 20 -5.44 -9.05 5.99
C SER A 20 -6.52 -8.09 6.51
N SER A 21 -6.14 -7.24 7.45
CA SER A 21 -7.07 -6.27 8.03
C SER A 21 -6.67 -4.84 7.68
N LYS A 22 -5.56 -4.38 8.26
CA LYS A 22 -5.06 -3.04 8.01
C LYS A 22 -4.23 -3.00 6.74
N CYS A 23 -4.80 -2.45 5.67
CA CYS A 23 -4.11 -2.34 4.39
C CYS A 23 -4.11 -0.90 3.90
N GLY A 24 -3.27 -0.63 2.90
CA GLY A 24 -3.19 0.71 2.34
C GLY A 24 -1.88 0.95 1.60
N CYS A 25 -1.86 1.99 0.77
CA CYS A 25 -0.68 2.33 0.00
C CYS A 25 0.51 2.63 0.92
N ARG A 26 1.66 2.03 0.61
CA ARG A 26 2.85 2.23 1.41
C ARG A 26 4.06 2.52 0.52
N TYR A 27 4.79 3.59 0.85
CA TYR A 27 5.97 3.98 0.07
C TYR A 27 7.24 3.77 0.88
N ASN A 28 8.21 3.07 0.29
CA ASN A 28 9.47 2.81 0.95
C ASN A 28 10.57 3.76 0.46
N VAL A 29 11.16 4.51 1.38
CA VAL A 29 12.22 5.45 1.04
C VAL A 29 13.52 5.10 1.74
N HIS A 30 13.76 3.80 1.92
CA HIS A 30 14.97 3.33 2.57
C HIS A 30 16.07 3.04 1.56
N PRO A 31 17.32 2.97 2.02
CA PRO A 31 18.48 2.70 1.17
C PRO A 31 18.49 1.26 0.65
N SER A 32 17.97 0.35 1.46
CA SER A 32 17.92 -1.07 1.10
C SER A 32 16.74 -1.35 0.17
N GLY A 33 16.69 -0.65 -0.95
CA GLY A 33 15.62 -0.83 -1.90
C GLY A 33 14.43 0.08 -1.61
N GLY A 35 10.74 2.12 -3.17
CA GLY A 35 9.63 1.95 -4.10
C GLY A 35 8.28 2.06 -3.42
N CYS A 36 7.24 2.36 -4.20
CA CYS A 36 5.90 2.51 -3.67
C CYS A 36 4.99 1.38 -4.16
N GLY A 37 4.13 0.90 -3.27
CA GLY A 37 3.22 -0.18 -3.63
C GLY A 37 2.16 -0.41 -2.56
N CYS A 38 1.09 -1.08 -2.95
CA CYS A 38 -0.01 -1.38 -2.03
C CYS A 38 0.26 -2.66 -1.25
N ALA A 39 0.27 -2.55 0.07
CA ALA A 39 0.51 -3.70 0.94
C ALA A 39 -0.21 -3.56 2.26
N CYS A 40 -0.22 -4.63 3.05
CA CYS A 40 -0.88 -4.63 4.34
C CYS A 40 0.14 -4.77 5.47
N SER A 41 -0.30 -4.48 6.70
CA SER A 41 0.57 -4.58 7.86
C SER A 41 -0.22 -4.93 9.11
N GLY A 1 -12.69 -10.05 -4.08
CA GLY A 1 -11.29 -9.73 -4.25
C GLY A 1 -10.90 -8.44 -3.54
N CYS A 2 -9.60 -8.22 -3.40
CA CYS A 2 -9.10 -7.03 -2.73
C CYS A 2 -9.39 -5.77 -3.56
N THR A 3 -9.09 -4.61 -2.99
CA THR A 3 -9.32 -3.35 -3.68
C THR A 3 -8.24 -2.33 -3.33
N ARG A 4 -7.36 -2.03 -4.30
CA ARG A 4 -6.28 -1.08 -4.09
C ARG A 4 -6.44 0.13 -5.01
N THR A 5 -6.10 1.31 -4.50
CA THR A 5 -6.20 2.53 -5.27
C THR A 5 -5.29 3.63 -4.71
N CYS A 6 -4.58 4.31 -5.60
CA CYS A 6 -3.67 5.37 -5.19
C CYS A 6 -3.63 6.49 -6.22
N GLY A 7 -3.10 7.64 -5.83
CA GLY A 7 -3.03 8.77 -6.73
C GLY A 7 -2.64 10.05 -6.03
N GLY A 8 -1.76 9.93 -5.03
CA GLY A 8 -1.32 11.10 -4.29
C GLY A 8 0.07 11.56 -4.71
N LYS A 10 3.37 11.74 -2.74
CA LYS A 10 4.38 10.76 -2.36
C LYS A 10 3.82 9.35 -2.38
N CYS A 11 3.19 8.97 -3.49
CA CYS A 11 2.62 7.64 -3.62
C CYS A 11 1.73 7.31 -2.42
N THR A 12 0.49 7.80 -2.44
CA THR A 12 -0.44 7.55 -1.36
C THR A 12 -1.78 7.04 -1.89
N GLY A 13 -2.54 6.37 -1.03
CA GLY A 13 -3.83 5.84 -1.44
C GLY A 13 -4.41 4.91 -0.40
N THR A 14 -5.49 4.22 -0.78
CA THR A 14 -6.15 3.28 0.12
C THR A 14 -6.21 1.88 -0.47
N CYS A 15 -6.13 0.87 0.39
CA CYS A 15 -6.16 -0.52 -0.05
C CYS A 15 -6.88 -1.39 0.97
N THR A 16 -7.57 -2.42 0.48
CA THR A 16 -8.29 -3.34 1.35
C THR A 16 -8.24 -4.76 0.82
N CYS A 17 -7.70 -5.67 1.62
CA CYS A 17 -7.59 -7.07 1.23
C CYS A 17 -8.11 -7.99 2.33
N THR A 18 -9.10 -8.83 1.98
CA THR A 18 -9.68 -9.75 2.94
C THR A 18 -8.61 -10.57 3.65
N ASN A 19 -7.54 -10.90 2.92
CA ASN A 19 -6.45 -11.67 3.48
C ASN A 19 -5.94 -11.05 4.78
N SER A 20 -5.94 -9.72 4.83
CA SER A 20 -5.48 -9.00 6.01
C SER A 20 -6.56 -8.04 6.51
N SER A 21 -6.18 -7.18 7.45
CA SER A 21 -7.11 -6.21 8.02
C SER A 21 -6.71 -4.79 7.67
N LYS A 22 -5.60 -4.34 8.26
CA LYS A 22 -5.10 -2.98 8.00
C LYS A 22 -4.26 -2.95 6.73
N CYS A 23 -4.83 -2.40 5.66
CA CYS A 23 -4.13 -2.30 4.39
C CYS A 23 -4.13 -0.86 3.88
N GLY A 24 -3.29 -0.59 2.88
CA GLY A 24 -3.21 0.74 2.33
C GLY A 24 -1.90 0.99 1.60
N CYS A 25 -1.88 2.02 0.75
CA CYS A 25 -0.69 2.34 -0.02
C CYS A 25 0.49 2.64 0.91
N ARG A 26 1.64 2.05 0.61
CA ARG A 26 2.84 2.25 1.42
C ARG A 26 4.05 2.54 0.53
N TYR A 27 4.78 3.60 0.85
CA TYR A 27 5.96 3.98 0.09
C TYR A 27 7.23 3.79 0.90
N ASN A 28 8.20 3.09 0.31
CA ASN A 28 9.47 2.84 0.99
C ASN A 28 10.56 3.78 0.48
N VAL A 29 11.15 4.53 1.41
CA VAL A 29 12.21 5.47 1.07
C VAL A 29 13.51 5.13 1.77
N HIS A 30 13.75 3.84 1.96
CA HIS A 30 14.96 3.37 2.62
C HIS A 30 16.06 3.06 1.60
N PRO A 31 17.31 3.01 2.08
CA PRO A 31 18.46 2.72 1.23
C PRO A 31 18.48 1.28 0.73
N SER A 32 17.96 0.37 1.54
CA SER A 32 17.92 -1.04 1.19
C SER A 32 16.74 -1.33 0.26
N GLY A 33 16.69 -0.64 -0.87
CA GLY A 33 15.61 -0.82 -1.82
C GLY A 33 14.44 0.07 -1.55
N GLY A 35 10.73 2.11 -3.13
CA GLY A 35 9.64 1.94 -4.07
C GLY A 35 8.28 2.07 -3.39
N CYS A 36 7.26 2.35 -4.18
CA CYS A 36 5.91 2.50 -3.65
C CYS A 36 5.01 1.37 -4.14
N GLY A 37 4.14 0.89 -3.25
CA GLY A 37 3.23 -0.18 -3.61
C GLY A 37 2.17 -0.41 -2.56
N CYS A 38 1.09 -1.08 -2.94
CA CYS A 38 -0.01 -1.37 -2.03
C CYS A 38 0.26 -2.65 -1.24
N ALA A 39 0.26 -2.54 0.09
CA ALA A 39 0.50 -3.69 0.95
C ALA A 39 -0.23 -3.54 2.28
N CYS A 40 -0.24 -4.60 3.07
CA CYS A 40 -0.91 -4.58 4.37
C CYS A 40 0.09 -4.75 5.50
N SER A 41 -0.34 -4.48 6.73
CA SER A 41 0.53 -4.60 7.89
C SER A 41 0.42 -5.99 8.51
N GLY A 1 -12.71 -9.58 -4.87
CA GLY A 1 -11.43 -9.70 -4.21
C GLY A 1 -11.00 -8.42 -3.51
N CYS A 2 -9.69 -8.23 -3.38
CA CYS A 2 -9.16 -7.04 -2.73
C CYS A 2 -9.45 -5.80 -3.56
N THR A 3 -9.10 -4.63 -3.02
CA THR A 3 -9.32 -3.37 -3.71
C THR A 3 -8.24 -2.35 -3.36
N ARG A 4 -7.39 -2.04 -4.32
CA ARG A 4 -6.31 -1.09 -4.11
C ARG A 4 -6.47 0.12 -5.03
N THR A 5 -6.12 1.29 -4.51
CA THR A 5 -6.23 2.53 -5.28
C THR A 5 -5.31 3.62 -4.71
N CYS A 6 -4.60 4.30 -5.60
CA CYS A 6 -3.69 5.36 -5.18
C CYS A 6 -3.66 6.49 -6.22
N GLY A 7 -3.13 7.64 -5.82
CA GLY A 7 -3.05 8.77 -6.73
C GLY A 7 -2.65 10.05 -6.02
N GLY A 8 -1.78 9.92 -5.03
CA GLY A 8 -1.32 11.09 -4.28
C GLY A 8 0.05 11.55 -4.71
N LYS A 10 3.36 11.71 -2.75
CA LYS A 10 4.38 10.74 -2.39
C LYS A 10 3.82 9.32 -2.40
N CYS A 11 3.18 8.95 -3.50
CA CYS A 11 2.59 7.62 -3.64
C CYS A 11 1.72 7.28 -2.43
N THR A 12 0.48 7.77 -2.46
CA THR A 12 -0.45 7.53 -1.37
C THR A 12 -1.78 7.03 -1.89
N GLY A 13 -2.55 6.36 -1.03
CA GLY A 13 -3.84 5.83 -1.43
C GLY A 13 -4.44 4.90 -0.40
N THR A 14 -5.50 4.20 -0.77
CA THR A 14 -6.16 3.26 0.12
C THR A 14 -6.21 1.86 -0.48
N CYS A 15 -6.15 0.85 0.38
CA CYS A 15 -6.19 -0.53 -0.07
C CYS A 15 -6.91 -1.42 0.95
N THR A 16 -7.59 -2.44 0.46
CA THR A 16 -8.32 -3.36 1.33
C THR A 16 -8.27 -4.78 0.79
N CYS A 17 -7.72 -5.70 1.59
CA CYS A 17 -7.61 -7.09 1.19
C CYS A 17 -8.12 -8.01 2.30
N THR A 18 -9.09 -8.85 1.97
CA THR A 18 -9.66 -9.78 2.94
C THR A 18 -8.57 -10.59 3.63
N ASN A 19 -7.52 -10.92 2.89
CA ASN A 19 -6.41 -11.69 3.44
C ASN A 19 -5.88 -11.06 4.72
N SER A 20 -5.88 -9.72 4.76
CA SER A 20 -5.40 -8.99 5.93
C SER A 20 -6.47 -8.06 6.45
N SER A 21 -6.09 -7.19 7.39
CA SER A 21 -7.02 -6.24 7.98
C SER A 21 -6.62 -4.80 7.64
N LYS A 22 -5.51 -4.35 8.23
CA LYS A 22 -5.01 -3.00 7.99
C LYS A 22 -4.20 -2.94 6.71
N CYS A 23 -4.82 -2.48 5.63
CA CYS A 23 -4.15 -2.37 4.35
C CYS A 23 -4.15 -0.93 3.85
N GLY A 24 -3.30 -0.65 2.86
CA GLY A 24 -3.22 0.70 2.32
C GLY A 24 -1.92 0.95 1.58
N CYS A 25 -1.90 2.00 0.77
CA CYS A 25 -0.71 2.34 0.00
C CYS A 25 0.46 2.65 0.92
N ARG A 26 1.62 2.06 0.63
CA ARG A 26 2.82 2.28 1.43
C ARG A 26 4.02 2.54 0.53
N TYR A 27 4.76 3.61 0.85
CA TYR A 27 5.93 3.99 0.09
C TYR A 27 7.21 3.79 0.90
N ASN A 28 8.17 3.08 0.32
CA ASN A 28 9.44 2.83 0.99
C ASN A 28 10.53 3.77 0.48
N VAL A 29 11.13 4.52 1.40
CA VAL A 29 12.19 5.46 1.04
C VAL A 29 13.50 5.11 1.75
N HIS A 30 13.72 3.82 1.96
CA HIS A 30 14.94 3.35 2.62
C HIS A 30 16.02 3.03 1.60
N PRO A 31 17.28 2.98 2.08
CA PRO A 31 18.44 2.68 1.23
C PRO A 31 18.45 1.23 0.74
N SER A 32 17.92 0.34 1.56
CA SER A 32 17.87 -1.08 1.22
C SER A 32 16.68 -1.38 0.30
N GLY A 33 16.65 -0.69 -0.84
CA GLY A 33 15.56 -0.89 -1.79
C GLY A 33 14.39 0.02 -1.52
N GLY A 35 10.71 2.07 -3.12
CA GLY A 35 9.60 1.89 -4.05
C GLY A 35 8.25 2.03 -3.38
N CYS A 36 7.23 2.31 -4.17
CA CYS A 36 5.88 2.48 -3.65
C CYS A 36 4.97 1.34 -4.12
N GLY A 37 4.10 0.89 -3.23
CA GLY A 37 3.19 -0.19 -3.57
C GLY A 37 2.15 -0.43 -2.49
N CYS A 38 1.06 -1.11 -2.87
CA CYS A 38 -0.02 -1.39 -1.93
C CYS A 38 0.30 -2.63 -1.09
N ALA A 39 0.36 -2.44 0.22
CA ALA A 39 0.66 -3.53 1.14
C ALA A 39 -0.05 -3.33 2.48
N CYS A 40 -0.15 -4.41 3.25
CA CYS A 40 -0.81 -4.36 4.55
C CYS A 40 0.21 -4.54 5.68
N SER A 41 -0.21 -4.22 6.90
CA SER A 41 0.67 -4.35 8.07
C SER A 41 0.52 -5.73 8.71
N GLY A 1 -13.84 -9.78 -4.26
CA GLY A 1 -12.39 -9.80 -4.42
C GLY A 1 -11.72 -8.60 -3.79
N CYS A 2 -10.45 -8.76 -3.41
CA CYS A 2 -9.69 -7.68 -2.79
C CYS A 2 -9.61 -6.47 -3.73
N THR A 3 -8.87 -5.45 -3.30
CA THR A 3 -8.71 -4.24 -4.10
C THR A 3 -7.46 -3.48 -3.69
N ARG A 4 -6.80 -2.85 -4.66
CA ARG A 4 -5.59 -2.08 -4.39
C ARG A 4 -5.45 -0.93 -5.38
N THR A 5 -5.38 0.29 -4.86
CA THR A 5 -5.25 1.48 -5.68
C THR A 5 -4.35 2.52 -5.03
N CYS A 6 -3.45 3.10 -5.82
CA CYS A 6 -2.53 4.10 -5.31
C CYS A 6 -2.24 5.16 -6.37
N GLY A 7 -1.48 6.18 -5.99
CA GLY A 7 -1.15 7.25 -6.92
C GLY A 7 -1.38 8.63 -6.35
N GLY A 8 -1.13 8.78 -5.04
CA GLY A 8 -1.32 10.06 -4.39
C GLY A 8 -0.17 11.00 -4.63
N LYS A 10 2.35 12.56 -2.18
CA LYS A 10 3.58 12.10 -1.54
C LYS A 10 3.61 10.57 -1.48
N CYS A 11 3.42 9.93 -2.63
CA CYS A 11 3.44 8.47 -2.70
C CYS A 11 2.50 7.87 -1.66
N THR A 12 1.24 7.72 -2.02
CA THR A 12 0.25 7.14 -1.11
C THR A 12 -0.86 6.42 -1.88
N GLY A 13 -1.87 5.96 -1.15
CA GLY A 13 -2.96 5.25 -1.79
C GLY A 13 -3.81 4.48 -0.79
N THR A 14 -4.83 3.79 -1.30
CA THR A 14 -5.71 3.00 -0.44
C THR A 14 -5.78 1.55 -0.90
N CYS A 15 -5.95 0.64 0.06
CA CYS A 15 -6.04 -0.78 -0.25
C CYS A 15 -7.00 -1.49 0.71
N THR A 16 -7.72 -2.47 0.18
CA THR A 16 -8.67 -3.23 0.98
C THR A 16 -8.70 -4.70 0.56
N CYS A 17 -8.40 -5.58 1.51
CA CYS A 17 -8.40 -7.01 1.23
C CYS A 17 -8.94 -7.80 2.43
N THR A 18 -9.97 -8.59 2.18
CA THR A 18 -10.59 -9.40 3.24
C THR A 18 -9.54 -10.22 3.98
N ASN A 19 -8.54 -10.70 3.24
CA ASN A 19 -7.47 -11.50 3.82
C ASN A 19 -6.87 -10.81 5.04
N SER A 20 -6.76 -9.48 4.96
CA SER A 20 -6.20 -8.69 6.05
C SER A 20 -7.19 -7.66 6.55
N SER A 21 -6.74 -6.79 7.44
CA SER A 21 -7.59 -5.75 8.00
C SER A 21 -7.03 -4.36 7.71
N LYS A 22 -5.95 -4.01 8.39
CA LYS A 22 -5.31 -2.71 8.20
C LYS A 22 -4.48 -2.70 6.91
N CYS A 23 -5.11 -2.29 5.82
CA CYS A 23 -4.44 -2.22 4.53
C CYS A 23 -4.17 -0.77 4.13
N GLY A 24 -3.42 -0.59 3.05
CA GLY A 24 -3.10 0.75 2.59
C GLY A 24 -1.78 0.80 1.84
N CYS A 25 -1.47 1.95 1.26
CA CYS A 25 -0.24 2.13 0.51
C CYS A 25 0.86 2.73 1.40
N ARG A 26 2.06 2.17 1.29
CA ARG A 26 3.19 2.65 2.08
C ARG A 26 4.34 3.07 1.18
N TYR A 27 5.04 4.13 1.58
CA TYR A 27 6.17 4.63 0.80
C TYR A 27 7.49 4.20 1.43
N ASN A 28 8.37 3.62 0.62
CA ASN A 28 9.67 3.16 1.09
C ASN A 28 10.77 4.15 0.70
N VAL A 29 11.57 4.56 1.67
CA VAL A 29 12.66 5.50 1.43
C VAL A 29 13.99 4.92 1.89
N HIS A 30 14.15 3.62 1.75
CA HIS A 30 15.38 2.93 2.15
C HIS A 30 16.37 2.88 0.99
N PRO A 31 17.65 2.66 1.32
CA PRO A 31 18.72 2.58 0.31
C PRO A 31 18.61 1.33 -0.55
N SER A 32 18.13 0.24 0.05
CA SER A 32 17.99 -1.02 -0.66
C SER A 32 16.71 -1.05 -1.47
N GLY A 33 16.54 -0.06 -2.36
CA GLY A 33 15.35 0.02 -3.18
C GLY A 33 14.26 0.86 -2.55
N GLY A 35 10.46 3.24 -3.10
CA GLY A 35 9.22 3.26 -3.85
C GLY A 35 8.01 3.02 -2.98
N CYS A 36 6.84 3.44 -3.46
CA CYS A 36 5.60 3.28 -2.71
C CYS A 36 4.69 2.24 -3.37
N GLY A 37 3.98 1.48 -2.56
CA GLY A 37 3.09 0.46 -3.08
C GLY A 37 2.07 0.00 -2.06
N CYS A 38 1.06 -0.72 -2.52
CA CYS A 38 0.01 -1.23 -1.64
C CYS A 38 0.53 -2.35 -0.75
N ALA A 39 0.39 -2.19 0.55
CA ALA A 39 0.85 -3.18 1.51
C ALA A 39 0.00 -3.16 2.78
N CYS A 40 -0.42 -4.35 3.21
CA CYS A 40 -1.26 -4.47 4.40
C CYS A 40 -0.42 -4.95 5.59
N SER A 41 -0.98 -4.83 6.79
CA SER A 41 -0.29 -5.24 8.00
C SER A 41 -0.53 -6.71 8.29
N GLY A 1 -13.55 -9.34 -4.74
CA GLY A 1 -12.26 -9.62 -4.13
C GLY A 1 -11.61 -8.38 -3.55
N CYS A 2 -10.30 -8.46 -3.31
CA CYS A 2 -9.56 -7.34 -2.75
C CYS A 2 -9.62 -6.13 -3.67
N THR A 3 -8.92 -5.06 -3.28
CA THR A 3 -8.89 -3.84 -4.08
C THR A 3 -7.69 -2.97 -3.70
N ARG A 4 -6.69 -2.94 -4.57
CA ARG A 4 -5.49 -2.15 -4.32
C ARG A 4 -5.40 -0.98 -5.31
N THR A 5 -5.28 0.22 -4.78
CA THR A 5 -5.18 1.42 -5.61
C THR A 5 -4.26 2.46 -4.98
N CYS A 6 -3.39 3.04 -5.80
CA CYS A 6 -2.45 4.06 -5.31
C CYS A 6 -2.20 5.11 -6.38
N GLY A 7 -1.53 6.19 -5.99
CA GLY A 7 -1.23 7.26 -6.93
C GLY A 7 -1.47 8.64 -6.34
N GLY A 8 -1.16 8.80 -5.05
CA GLY A 8 -1.36 10.07 -4.40
C GLY A 8 -0.20 11.02 -4.63
N LYS A 10 2.31 12.57 -2.17
CA LYS A 10 3.54 12.09 -1.53
C LYS A 10 3.58 10.57 -1.47
N CYS A 11 3.39 9.94 -2.62
CA CYS A 11 3.39 8.49 -2.70
C CYS A 11 2.47 7.88 -1.66
N THR A 12 1.19 7.71 -2.01
CA THR A 12 0.21 7.14 -1.11
C THR A 12 -0.88 6.40 -1.88
N GLY A 13 -1.87 5.89 -1.14
CA GLY A 13 -2.94 5.16 -1.78
C GLY A 13 -3.78 4.38 -0.78
N THR A 14 -4.83 3.72 -1.26
CA THR A 14 -5.70 2.94 -0.41
C THR A 14 -5.80 1.50 -0.88
N CYS A 15 -5.96 0.58 0.06
CA CYS A 15 -6.07 -0.85 -0.26
C CYS A 15 -7.00 -1.56 0.71
N THR A 16 -7.72 -2.55 0.20
CA THR A 16 -8.66 -3.31 1.03
C THR A 16 -8.69 -4.78 0.61
N CYS A 17 -8.35 -5.67 1.55
CA CYS A 17 -8.34 -7.10 1.28
C CYS A 17 -8.98 -7.87 2.43
N THR A 18 -10.00 -8.66 2.11
CA THR A 18 -10.69 -9.45 3.12
C THR A 18 -9.71 -10.28 3.95
N ASN A 19 -8.66 -10.75 3.30
CA ASN A 19 -7.64 -11.57 3.97
C ASN A 19 -7.02 -10.80 5.13
N SER A 20 -6.86 -9.49 4.95
CA SER A 20 -6.27 -8.64 5.98
C SER A 20 -7.31 -7.69 6.55
N SER A 21 -6.87 -6.81 7.46
CA SER A 21 -7.76 -5.85 8.09
C SER A 21 -7.24 -4.43 7.92
N LYS A 22 -5.94 -4.25 8.18
CA LYS A 22 -5.31 -2.94 8.05
C LYS A 22 -4.46 -2.87 6.79
N CYS A 23 -5.10 -2.55 5.67
CA CYS A 23 -4.41 -2.44 4.40
C CYS A 23 -4.14 -0.99 4.04
N GLY A 24 -3.38 -0.77 2.97
CA GLY A 24 -3.06 0.58 2.54
C GLY A 24 -1.73 0.66 1.80
N CYS A 25 -1.45 1.82 1.24
CA CYS A 25 -0.21 2.02 0.50
C CYS A 25 0.89 2.58 1.41
N ARG A 26 2.11 2.11 1.21
CA ARG A 26 3.24 2.55 2.02
C ARG A 26 4.40 2.99 1.12
N TYR A 27 5.06 4.07 1.51
CA TYR A 27 6.20 4.60 0.75
C TYR A 27 7.52 4.19 1.38
N ASN A 28 8.40 3.62 0.58
CA ASN A 28 9.71 3.17 1.06
C ASN A 28 10.80 4.17 0.66
N VAL A 29 11.59 4.59 1.63
CA VAL A 29 12.67 5.54 1.39
C VAL A 29 14.01 4.98 1.84
N HIS A 30 14.18 3.66 1.70
CA HIS A 30 15.41 3.00 2.10
C HIS A 30 16.40 2.96 0.94
N PRO A 31 17.68 2.75 1.26
CA PRO A 31 18.76 2.68 0.26
C PRO A 31 18.66 1.42 -0.60
N SER A 32 18.19 0.33 -0.01
CA SER A 32 18.06 -0.94 -0.73
C SER A 32 16.76 -0.96 -1.53
N GLY A 33 16.60 0.02 -2.42
CA GLY A 33 15.42 0.10 -3.24
C GLY A 33 14.32 0.93 -2.62
N GLY A 35 10.49 3.28 -3.15
CA GLY A 35 9.25 3.27 -3.91
C GLY A 35 8.04 3.04 -3.02
N CYS A 36 6.87 3.44 -3.51
CA CYS A 36 5.63 3.27 -2.76
C CYS A 36 4.73 2.23 -3.43
N GLY A 37 4.01 1.47 -2.61
CA GLY A 37 3.12 0.46 -3.13
C GLY A 37 2.09 -0.01 -2.12
N CYS A 38 1.17 -0.86 -2.55
CA CYS A 38 0.13 -1.37 -1.67
C CYS A 38 0.68 -2.47 -0.76
N ALA A 39 0.51 -2.28 0.54
CA ALA A 39 0.99 -3.26 1.53
C ALA A 39 0.12 -3.24 2.78
N CYS A 40 -0.31 -4.42 3.20
CA CYS A 40 -1.16 -4.55 4.39
C CYS A 40 -0.34 -5.02 5.58
N SER A 41 -0.91 -4.87 6.77
CA SER A 41 -0.23 -5.28 8.00
C SER A 41 -1.09 -6.27 8.78
N GLY A 1 -11.44 -10.49 -6.01
CA GLY A 1 -10.60 -10.57 -4.83
C GLY A 1 -10.48 -9.24 -4.12
N CYS A 2 -9.33 -9.02 -3.49
CA CYS A 2 -9.07 -7.78 -2.76
C CYS A 2 -8.94 -6.60 -3.71
N THR A 3 -8.85 -5.41 -3.16
CA THR A 3 -8.71 -4.20 -3.96
C THR A 3 -7.48 -3.40 -3.55
N ARG A 4 -6.85 -2.75 -4.53
CA ARG A 4 -5.66 -1.95 -4.27
C ARG A 4 -5.57 -0.77 -5.25
N THR A 5 -5.49 0.43 -4.70
CA THR A 5 -5.40 1.64 -5.52
C THR A 5 -4.48 2.67 -4.87
N CYS A 6 -3.61 3.27 -5.69
CA CYS A 6 -2.68 4.28 -5.19
C CYS A 6 -2.44 5.35 -6.25
N GLY A 7 -1.69 6.39 -5.88
CA GLY A 7 -1.40 7.46 -6.81
C GLY A 7 -1.58 8.84 -6.19
N GLY A 8 -1.23 8.96 -4.92
CA GLY A 8 -1.37 10.22 -4.22
C GLY A 8 -0.21 11.16 -4.49
N LYS A 10 2.43 12.61 -2.11
CA LYS A 10 3.66 12.11 -1.52
C LYS A 10 3.67 10.59 -1.48
N CYS A 11 3.43 9.97 -2.64
CA CYS A 11 3.40 8.52 -2.74
C CYS A 11 2.49 7.91 -1.67
N THR A 12 1.21 7.79 -1.99
CA THR A 12 0.25 7.22 -1.05
C THR A 12 -0.89 6.53 -1.79
N GLY A 13 -1.88 6.06 -1.03
CA GLY A 13 -3.01 5.39 -1.64
C GLY A 13 -3.82 4.59 -0.62
N THR A 14 -4.84 3.88 -1.10
CA THR A 14 -5.69 3.08 -0.23
C THR A 14 -5.79 1.64 -0.73
N CYS A 15 -5.94 0.70 0.20
CA CYS A 15 -6.04 -0.71 -0.13
C CYS A 15 -6.97 -1.43 0.84
N THR A 16 -7.68 -2.43 0.34
CA THR A 16 -8.61 -3.19 1.17
C THR A 16 -8.64 -4.65 0.73
N CYS A 17 -8.32 -5.55 1.67
CA CYS A 17 -8.32 -6.98 1.38
C CYS A 17 -9.03 -7.76 2.49
N THR A 18 -10.04 -8.52 2.10
CA THR A 18 -10.81 -9.32 3.06
C THR A 18 -9.88 -10.17 3.93
N ASN A 19 -8.79 -10.64 3.34
CA ASN A 19 -7.83 -11.48 4.06
C ASN A 19 -7.21 -10.70 5.22
N SER A 20 -7.01 -9.40 5.01
CA SER A 20 -6.43 -8.55 6.04
C SER A 20 -7.47 -7.59 6.62
N SER A 21 -7.02 -6.70 7.49
CA SER A 21 -7.91 -5.72 8.11
C SER A 21 -7.35 -4.31 7.99
N LYS A 22 -6.05 -4.18 8.22
CA LYS A 22 -5.38 -2.89 8.13
C LYS A 22 -4.50 -2.81 6.88
N CYS A 23 -5.12 -2.47 5.76
CA CYS A 23 -4.39 -2.35 4.50
C CYS A 23 -4.15 -0.89 4.14
N GLY A 24 -3.37 -0.67 3.08
CA GLY A 24 -3.08 0.69 2.65
C GLY A 24 -1.77 0.79 1.90
N CYS A 25 -1.52 1.95 1.30
CA CYS A 25 -0.29 2.16 0.54
C CYS A 25 0.82 2.71 1.45
N ARG A 26 2.04 2.26 1.19
CA ARG A 26 3.19 2.70 1.99
C ARG A 26 4.35 3.09 1.08
N TYR A 27 5.05 4.17 1.45
CA TYR A 27 6.18 4.65 0.66
C TYR A 27 7.50 4.19 1.29
N ASN A 28 8.35 3.59 0.47
CA ASN A 28 9.65 3.12 0.94
C ASN A 28 10.77 4.07 0.53
N VAL A 29 11.59 4.47 1.50
CA VAL A 29 12.69 5.38 1.25
C VAL A 29 14.01 4.78 1.71
N HIS A 30 14.14 3.47 1.58
CA HIS A 30 15.36 2.76 1.97
C HIS A 30 16.35 2.69 0.81
N PRO A 31 17.62 2.45 1.13
CA PRO A 31 18.69 2.34 0.13
C PRO A 31 18.56 1.09 -0.72
N SER A 32 18.05 0.01 -0.12
CA SER A 32 17.89 -1.25 -0.83
C SER A 32 16.59 -1.25 -1.63
N GLY A 33 16.45 -0.27 -2.52
CA GLY A 33 15.25 -0.18 -3.34
C GLY A 33 14.18 0.70 -2.70
N GLY A 35 10.42 3.14 -3.25
CA GLY A 35 9.18 3.17 -3.99
C GLY A 35 7.97 2.97 -3.10
N CYS A 36 6.80 3.40 -3.58
CA CYS A 36 5.56 3.26 -2.83
C CYS A 36 4.64 2.23 -3.46
N GLY A 37 3.92 1.49 -2.63
CA GLY A 37 3.02 0.47 -3.13
C GLY A 37 1.97 0.08 -2.11
N CYS A 38 1.10 -0.86 -2.50
CA CYS A 38 0.04 -1.33 -1.60
C CYS A 38 0.53 -2.46 -0.72
N ALA A 39 0.45 -2.26 0.59
CA ALA A 39 0.88 -3.27 1.55
C ALA A 39 0.07 -3.19 2.84
N CYS A 40 -0.35 -4.34 3.33
CA CYS A 40 -1.14 -4.42 4.56
C CYS A 40 -0.27 -4.85 5.74
N SER A 41 -0.77 -4.59 6.96
CA SER A 41 -0.04 -4.96 8.16
C SER A 41 -0.92 -5.76 9.10
N GLY A 1 -12.93 -9.39 -5.22
CA GLY A 1 -12.19 -9.63 -4.00
C GLY A 1 -11.50 -8.39 -3.48
N CYS A 2 -10.21 -8.51 -3.18
CA CYS A 2 -9.44 -7.38 -2.67
C CYS A 2 -9.46 -6.22 -3.65
N THR A 3 -8.79 -5.12 -3.28
CA THR A 3 -8.74 -3.95 -4.13
C THR A 3 -7.58 -3.03 -3.73
N ARG A 4 -6.55 -2.99 -4.56
CA ARG A 4 -5.38 -2.16 -4.28
C ARG A 4 -5.28 -1.01 -5.29
N THR A 5 -5.20 0.21 -4.76
CA THR A 5 -5.11 1.39 -5.61
C THR A 5 -4.20 2.45 -4.98
N CYS A 6 -3.33 3.04 -5.79
CA CYS A 6 -2.41 4.06 -5.32
C CYS A 6 -2.16 5.10 -6.40
N GLY A 7 -1.51 6.20 -6.02
CA GLY A 7 -1.21 7.26 -6.96
C GLY A 7 -1.45 8.64 -6.39
N GLY A 8 -1.13 8.81 -5.11
CA GLY A 8 -1.33 10.09 -4.46
C GLY A 8 -0.17 11.05 -4.69
N LYS A 10 2.32 12.60 -2.22
CA LYS A 10 3.54 12.13 -1.55
C LYS A 10 3.56 10.61 -1.48
N CYS A 11 3.39 9.96 -2.62
CA CYS A 11 3.39 8.51 -2.68
C CYS A 11 2.44 7.92 -1.64
N THR A 12 1.18 7.75 -2.02
CA THR A 12 0.18 7.20 -1.11
C THR A 12 -0.89 6.44 -1.88
N GLY A 13 -1.89 5.93 -1.16
CA GLY A 13 -2.96 5.19 -1.80
C GLY A 13 -3.81 4.42 -0.80
N THR A 14 -4.85 3.76 -1.29
CA THR A 14 -5.73 2.98 -0.44
C THR A 14 -5.81 1.53 -0.90
N CYS A 15 -5.98 0.62 0.05
CA CYS A 15 -6.08 -0.81 -0.26
C CYS A 15 -7.04 -1.51 0.71
N THR A 16 -7.76 -2.50 0.20
CA THR A 16 -8.70 -3.26 1.02
C THR A 16 -8.74 -4.71 0.60
N CYS A 17 -8.42 -5.60 1.54
CA CYS A 17 -8.42 -7.03 1.28
C CYS A 17 -9.01 -7.81 2.45
N THR A 18 -10.05 -8.60 2.17
CA THR A 18 -10.71 -9.38 3.20
C THR A 18 -9.69 -10.21 3.99
N ASN A 19 -8.68 -10.69 3.30
CA ASN A 19 -7.64 -11.50 3.94
C ASN A 19 -6.99 -10.74 5.09
N SER A 20 -6.84 -9.43 4.91
CA SER A 20 -6.22 -8.60 5.94
C SER A 20 -7.25 -7.65 6.56
N SER A 21 -6.81 -6.84 7.51
CA SER A 21 -7.69 -5.90 8.18
C SER A 21 -7.21 -4.46 7.97
N LYS A 22 -5.94 -4.23 8.25
CA LYS A 22 -5.35 -2.89 8.09
C LYS A 22 -4.51 -2.82 6.83
N CYS A 23 -5.15 -2.49 5.71
CA CYS A 23 -4.46 -2.38 4.43
C CYS A 23 -4.19 -0.92 4.08
N GLY A 24 -3.42 -0.72 3.01
CA GLY A 24 -3.09 0.64 2.59
C GLY A 24 -1.78 0.71 1.84
N CYS A 25 -1.48 1.88 1.29
CA CYS A 25 -0.25 2.08 0.54
C CYS A 25 0.86 2.61 1.44
N ARG A 26 2.06 2.09 1.27
CA ARG A 26 3.20 2.51 2.07
C ARG A 26 4.36 2.95 1.18
N TYR A 27 5.03 4.03 1.58
CA TYR A 27 6.16 4.55 0.81
C TYR A 27 7.49 4.14 1.44
N ASN A 28 8.36 3.57 0.63
CA ASN A 28 9.68 3.14 1.10
C ASN A 28 10.77 4.12 0.70
N VAL A 29 11.56 4.57 1.67
CA VAL A 29 12.64 5.51 1.41
C VAL A 29 13.98 4.95 1.85
N HIS A 30 14.14 3.63 1.72
CA HIS A 30 15.38 2.97 2.11
C HIS A 30 16.35 2.92 0.94
N PRO A 31 17.64 2.70 1.24
CA PRO A 31 18.70 2.63 0.24
C PRO A 31 18.60 1.37 -0.62
N SER A 32 18.13 0.28 -0.02
CA SER A 32 17.99 -0.98 -0.73
C SER A 32 16.69 -1.01 -1.53
N GLY A 33 16.53 -0.03 -2.42
CA GLY A 33 15.33 0.04 -3.23
C GLY A 33 14.24 0.87 -2.60
N GLY A 35 10.42 3.24 -3.13
CA GLY A 35 9.18 3.24 -3.87
C GLY A 35 7.97 3.02 -2.99
N CYS A 36 6.80 3.41 -3.47
CA CYS A 36 5.56 3.25 -2.72
C CYS A 36 4.65 2.22 -3.38
N GLY A 37 3.94 1.46 -2.56
CA GLY A 37 3.03 0.45 -3.09
C GLY A 37 1.98 0.02 -2.08
N CYS A 38 1.04 -0.81 -2.52
CA CYS A 38 -0.02 -1.28 -1.65
C CYS A 38 0.47 -2.44 -0.78
N ALA A 39 0.38 -2.27 0.53
CA ALA A 39 0.81 -3.30 1.46
C ALA A 39 0.00 -3.25 2.76
N CYS A 40 -0.46 -4.41 3.21
CA CYS A 40 -1.25 -4.50 4.44
C CYS A 40 -0.39 -4.98 5.60
N SER A 41 -0.88 -4.76 6.81
CA SER A 41 -0.16 -5.17 8.01
C SER A 41 -0.50 -6.61 8.39
N GLY A 1 -13.29 -9.66 -5.25
CA GLY A 1 -12.06 -9.96 -4.53
C GLY A 1 -11.51 -8.75 -3.81
N CYS A 2 -10.21 -8.76 -3.54
CA CYS A 2 -9.56 -7.66 -2.84
C CYS A 2 -9.55 -6.40 -3.70
N THR A 3 -8.88 -5.35 -3.21
CA THR A 3 -8.79 -4.10 -3.95
C THR A 3 -7.50 -3.36 -3.62
N ARG A 4 -6.93 -2.71 -4.63
CA ARG A 4 -5.69 -1.97 -4.46
C ARG A 4 -5.62 -0.78 -5.41
N THR A 5 -5.53 0.42 -4.85
CA THR A 5 -5.46 1.64 -5.64
C THR A 5 -4.53 2.66 -5.01
N CYS A 6 -3.69 3.27 -5.82
CA CYS A 6 -2.74 4.28 -5.34
C CYS A 6 -2.51 5.37 -6.38
N GLY A 7 -1.75 6.39 -6.01
CA GLY A 7 -1.46 7.47 -6.93
C GLY A 7 -1.65 8.83 -6.29
N GLY A 8 -1.30 8.94 -5.01
CA GLY A 8 -1.43 10.20 -4.30
C GLY A 8 -0.29 11.15 -4.57
N LYS A 10 2.39 12.58 -2.21
CA LYS A 10 3.63 12.08 -1.63
C LYS A 10 3.64 10.55 -1.62
N CYS A 11 3.39 9.95 -2.78
CA CYS A 11 3.37 8.50 -2.89
C CYS A 11 2.49 7.88 -1.82
N THR A 12 1.20 7.74 -2.12
CA THR A 12 0.25 7.17 -1.18
C THR A 12 -0.93 6.52 -1.91
N GLY A 13 -1.88 6.00 -1.14
CA GLY A 13 -3.05 5.37 -1.73
C GLY A 13 -3.86 4.59 -0.73
N THR A 14 -4.81 3.81 -1.21
CA THR A 14 -5.67 3.01 -0.34
C THR A 14 -5.75 1.57 -0.82
N CYS A 15 -5.90 0.64 0.12
CA CYS A 15 -5.98 -0.78 -0.21
C CYS A 15 -6.91 -1.51 0.77
N THR A 16 -7.63 -2.50 0.26
CA THR A 16 -8.55 -3.27 1.09
C THR A 16 -8.58 -4.73 0.65
N CYS A 17 -8.24 -5.63 1.57
CA CYS A 17 -8.23 -7.06 1.28
C CYS A 17 -8.80 -7.85 2.45
N THR A 18 -9.83 -8.64 2.16
CA THR A 18 -10.48 -9.45 3.19
C THR A 18 -9.46 -10.28 3.96
N ASN A 19 -8.42 -10.74 3.25
CA ASN A 19 -7.38 -11.55 3.87
C ASN A 19 -6.82 -10.86 5.11
N SER A 20 -6.70 -9.54 5.05
CA SER A 20 -6.18 -8.77 6.17
C SER A 20 -7.19 -7.71 6.61
N SER A 21 -6.75 -6.81 7.50
CA SER A 21 -7.62 -5.75 8.00
C SER A 21 -7.02 -4.38 7.70
N LYS A 22 -5.98 -4.01 8.45
CA LYS A 22 -5.32 -2.73 8.27
C LYS A 22 -4.48 -2.73 7.00
N CYS A 23 -5.07 -2.28 5.90
CA CYS A 23 -4.37 -2.22 4.62
C CYS A 23 -4.18 -0.77 4.17
N GLY A 24 -3.36 -0.59 3.13
CA GLY A 24 -3.10 0.75 2.63
C GLY A 24 -1.79 0.83 1.87
N CYS A 25 -1.55 1.99 1.25
CA CYS A 25 -0.33 2.20 0.48
C CYS A 25 0.76 2.81 1.36
N ARG A 26 2.01 2.38 1.14
CA ARG A 26 3.14 2.90 1.90
C ARG A 26 4.30 3.26 0.98
N TYR A 27 5.09 4.23 1.40
CA TYR A 27 6.23 4.69 0.61
C TYR A 27 7.55 4.30 1.29
N ASN A 28 8.41 3.63 0.55
CA ASN A 28 9.71 3.19 1.08
C ASN A 28 10.82 4.13 0.61
N VAL A 29 11.59 4.66 1.56
CA VAL A 29 12.69 5.56 1.24
C VAL A 29 14.02 5.01 1.73
N HIS A 30 14.15 3.68 1.70
CA HIS A 30 15.37 3.02 2.14
C HIS A 30 16.36 2.87 0.99
N PRO A 31 17.64 2.66 1.32
CA PRO A 31 18.71 2.49 0.34
C PRO A 31 18.59 1.18 -0.43
N SER A 32 18.09 0.15 0.24
CA SER A 32 17.92 -1.16 -0.37
C SER A 32 16.65 -1.22 -1.19
N GLY A 33 16.52 -0.31 -2.16
CA GLY A 33 15.35 -0.27 -3.00
C GLY A 33 14.25 0.63 -2.44
N GLY A 35 10.50 3.03 -3.20
CA GLY A 35 9.28 3.02 -3.98
C GLY A 35 8.04 2.92 -3.10
N CYS A 36 6.89 3.31 -3.64
CA CYS A 36 5.64 3.27 -2.91
C CYS A 36 4.69 2.24 -3.52
N GLY A 37 4.09 1.42 -2.66
CA GLY A 37 3.16 0.41 -3.13
C GLY A 37 2.09 0.09 -2.10
N CYS A 38 1.28 -0.93 -2.39
CA CYS A 38 0.21 -1.35 -1.50
C CYS A 38 0.65 -2.50 -0.62
N ALA A 39 0.50 -2.35 0.69
CA ALA A 39 0.89 -3.39 1.64
C ALA A 39 0.02 -3.34 2.89
N CYS A 40 -0.37 -4.51 3.38
CA CYS A 40 -1.21 -4.60 4.57
C CYS A 40 -0.39 -4.98 5.79
N SER A 41 -0.98 -4.86 6.97
CA SER A 41 -0.29 -5.18 8.21
C SER A 41 0.03 -6.68 8.27
N GLY A 1 -9.07 -10.26 -6.39
CA GLY A 1 -8.38 -10.33 -5.12
C GLY A 1 -8.41 -9.01 -4.37
N CYS A 2 -7.27 -8.63 -3.79
CA CYS A 2 -7.17 -7.39 -3.03
C CYS A 2 -7.52 -6.19 -3.91
N THR A 3 -7.49 -5.00 -3.32
CA THR A 3 -7.81 -3.78 -4.05
C THR A 3 -6.88 -2.65 -3.64
N ARG A 4 -6.07 -2.18 -4.59
CA ARG A 4 -5.13 -1.09 -4.34
C ARG A 4 -5.47 0.14 -5.17
N THR A 5 -5.62 1.28 -4.51
CA THR A 5 -5.95 2.53 -5.20
C THR A 5 -5.22 3.71 -4.57
N CYS A 6 -4.64 4.54 -5.41
CA CYS A 6 -3.91 5.72 -4.94
C CYS A 6 -4.04 6.87 -5.93
N GLY A 7 -3.44 8.01 -5.58
CA GLY A 7 -3.50 9.17 -6.45
C GLY A 7 -3.06 10.44 -5.75
N GLY A 8 -1.89 10.39 -5.11
CA GLY A 8 -1.38 11.55 -4.41
C GLY A 8 0.04 11.89 -4.79
N LYS A 10 3.22 12.11 -2.65
CA LYS A 10 4.15 11.14 -2.10
C LYS A 10 3.52 9.77 -1.98
N CYS A 11 2.94 9.29 -3.08
CA CYS A 11 2.29 7.99 -3.11
C CYS A 11 1.33 7.84 -1.94
N THR A 12 0.10 8.30 -2.11
CA THR A 12 -0.91 8.22 -1.07
C THR A 12 -2.20 7.61 -1.60
N GLY A 13 -2.88 6.83 -0.77
CA GLY A 13 -4.12 6.21 -1.17
C GLY A 13 -4.62 5.19 -0.16
N THR A 14 -5.50 4.30 -0.61
CA THR A 14 -6.05 3.27 0.28
C THR A 14 -5.96 1.89 -0.38
N CYS A 15 -5.97 0.85 0.46
CA CYS A 15 -5.88 -0.52 -0.03
C CYS A 15 -6.73 -1.45 0.84
N THR A 16 -7.11 -2.59 0.25
CA THR A 16 -7.92 -3.57 0.97
C THR A 16 -7.56 -4.99 0.56
N CYS A 17 -7.13 -5.79 1.53
CA CYS A 17 -6.75 -7.17 1.27
C CYS A 17 -7.44 -8.12 2.25
N THR A 18 -8.17 -9.09 1.70
CA THR A 18 -8.89 -10.05 2.53
C THR A 18 -7.95 -10.73 3.53
N ASN A 19 -6.71 -10.94 3.11
CA ASN A 19 -5.71 -11.58 3.96
C ASN A 19 -5.56 -10.81 5.28
N SER A 20 -5.68 -9.48 5.19
CA SER A 20 -5.54 -8.63 6.37
C SER A 20 -6.82 -7.84 6.61
N SER A 21 -6.74 -6.88 7.53
CA SER A 21 -7.90 -6.05 7.86
C SER A 21 -7.58 -4.57 7.70
N LYS A 22 -6.34 -4.20 8.06
CA LYS A 22 -5.91 -2.81 7.96
C LYS A 22 -4.87 -2.65 6.85
N CYS A 23 -5.32 -2.19 5.69
CA CYS A 23 -4.43 -2.00 4.55
C CYS A 23 -4.41 -0.53 4.13
N GLY A 24 -3.51 -0.19 3.22
CA GLY A 24 -3.40 1.17 2.74
C GLY A 24 -2.14 1.42 1.93
N CYS A 25 -2.13 2.48 1.14
CA CYS A 25 -0.97 2.81 0.32
C CYS A 25 0.25 3.08 1.18
N ARG A 26 1.37 2.45 0.82
CA ARG A 26 2.61 2.63 1.57
C ARG A 26 3.78 2.88 0.63
N TYR A 27 4.64 3.81 1.01
CA TYR A 27 5.80 4.15 0.20
C TYR A 27 7.10 3.71 0.88
N ASN A 28 7.89 2.91 0.16
CA ASN A 28 9.15 2.42 0.70
C ASN A 28 10.32 3.31 0.27
N VAL A 29 11.06 3.82 1.25
CA VAL A 29 12.20 4.68 0.98
C VAL A 29 13.48 4.11 1.58
N HIS A 30 13.59 2.79 1.60
CA HIS A 30 14.76 2.12 2.15
C HIS A 30 15.79 1.84 1.05
N PRO A 31 17.03 1.59 1.47
CA PRO A 31 18.13 1.31 0.54
C PRO A 31 17.99 -0.05 -0.14
N SER A 32 17.41 -1.00 0.58
CA SER A 32 17.20 -2.34 0.05
C SER A 32 15.96 -2.41 -0.82
N GLY A 33 15.93 -1.55 -1.85
CA GLY A 33 14.78 -1.53 -2.74
C GLY A 33 13.72 -0.54 -2.30
N GLY A 35 10.13 1.94 -3.38
CA GLY A 35 8.93 1.94 -4.22
C GLY A 35 7.66 2.00 -3.41
N CYS A 36 6.59 2.49 -4.02
CA CYS A 36 5.30 2.61 -3.35
C CYS A 36 4.30 1.61 -3.92
N GLY A 37 3.50 1.02 -3.03
CA GLY A 37 2.51 0.05 -3.46
C GLY A 37 1.49 -0.26 -2.37
N CYS A 38 0.87 -1.43 -2.46
CA CYS A 38 -0.12 -1.85 -1.48
C CYS A 38 0.52 -2.61 -0.33
N ALA A 39 0.44 -2.05 0.87
CA ALA A 39 1.01 -2.68 2.05
C ALA A 39 0.06 -2.57 3.25
N CYS A 40 -0.13 -3.69 3.95
CA CYS A 40 -1.00 -3.72 5.11
C CYS A 40 -0.20 -3.92 6.39
N SER A 41 -0.87 -3.72 7.53
CA SER A 41 -0.22 -3.87 8.83
C SER A 41 -0.13 -5.33 9.23
N GLY A 1 -12.46 -9.59 -5.04
CA GLY A 1 -11.31 -9.77 -4.17
C GLY A 1 -10.92 -8.48 -3.48
N CYS A 2 -9.61 -8.26 -3.34
CA CYS A 2 -9.11 -7.06 -2.69
C CYS A 2 -9.41 -5.82 -3.52
N THR A 3 -9.09 -4.65 -2.96
CA THR A 3 -9.32 -3.39 -3.65
C THR A 3 -8.25 -2.37 -3.30
N ARG A 4 -7.37 -2.08 -4.27
CA ARG A 4 -6.30 -1.12 -4.07
C ARG A 4 -6.46 0.08 -5.00
N THR A 5 -6.12 1.26 -4.49
CA THR A 5 -6.23 2.49 -5.27
C THR A 5 -5.32 3.58 -4.71
N CYS A 6 -4.62 4.26 -5.59
CA CYS A 6 -3.71 5.34 -5.19
C CYS A 6 -3.69 6.45 -6.23
N GLY A 7 -3.15 7.61 -5.85
CA GLY A 7 -3.07 8.73 -6.75
C GLY A 7 -2.68 10.02 -6.05
N GLY A 8 -1.80 9.91 -5.06
CA GLY A 8 -1.37 11.08 -4.32
C GLY A 8 0.01 11.55 -4.73
N LYS A 10 3.28 11.77 -2.74
CA LYS A 10 4.32 10.82 -2.35
C LYS A 10 3.76 9.40 -2.33
N CYS A 11 3.16 9.00 -3.45
CA CYS A 11 2.58 7.66 -3.56
C CYS A 11 1.69 7.35 -2.38
N THR A 12 0.45 7.84 -2.42
CA THR A 12 -0.51 7.61 -1.35
C THR A 12 -1.82 7.06 -1.90
N GLY A 13 -2.60 6.40 -1.04
CA GLY A 13 -3.86 5.84 -1.45
C GLY A 13 -4.45 4.90 -0.42
N THR A 14 -5.52 4.21 -0.78
CA THR A 14 -6.18 3.27 0.13
C THR A 14 -6.23 1.87 -0.47
N CYS A 15 -6.14 0.86 0.39
CA CYS A 15 -6.18 -0.53 -0.05
C CYS A 15 -6.89 -1.40 0.98
N THR A 16 -7.57 -2.44 0.50
CA THR A 16 -8.28 -3.35 1.37
C THR A 16 -8.23 -4.78 0.84
N CYS A 17 -7.69 -5.69 1.64
CA CYS A 17 -7.58 -7.09 1.25
C CYS A 17 -8.08 -8.00 2.37
N THR A 18 -9.06 -8.85 2.03
CA THR A 18 -9.63 -9.77 3.00
C THR A 18 -8.55 -10.58 3.70
N ASN A 19 -7.49 -10.90 2.96
CA ASN A 19 -6.38 -11.67 3.52
C ASN A 19 -5.87 -11.04 4.80
N SER A 20 -5.88 -9.71 4.85
CA SER A 20 -5.41 -8.98 6.03
C SER A 20 -6.49 -8.03 6.54
N SER A 21 -6.11 -7.16 7.47
CA SER A 21 -7.04 -6.21 8.05
C SER A 21 -6.64 -4.77 7.68
N LYS A 22 -5.54 -4.31 8.26
CA LYS A 22 -5.03 -2.97 8.00
C LYS A 22 -4.21 -2.93 6.72
N CYS A 23 -4.80 -2.39 5.65
CA CYS A 23 -4.11 -2.30 4.37
C CYS A 23 -4.11 -0.85 3.85
N GLY A 24 -3.28 -0.59 2.86
CA GLY A 24 -3.20 0.75 2.30
C GLY A 24 -1.89 1.00 1.58
N CYS A 25 -1.87 2.01 0.72
CA CYS A 25 -0.67 2.36 -0.03
C CYS A 25 0.50 2.66 0.90
N ARG A 26 1.64 2.07 0.61
CA ARG A 26 2.84 2.28 1.43
C ARG A 26 4.05 2.57 0.55
N TYR A 27 4.79 3.62 0.90
CA TYR A 27 5.98 4.00 0.14
C TYR A 27 7.24 3.79 0.96
N ASN A 28 8.21 3.09 0.37
CA ASN A 28 9.48 2.81 1.03
C ASN A 28 10.57 3.74 0.54
N VAL A 29 11.20 4.46 1.47
CA VAL A 29 12.27 5.38 1.13
C VAL A 29 13.57 5.00 1.83
N HIS A 30 13.78 3.70 2.00
CA HIS A 30 14.98 3.20 2.66
C HIS A 30 16.09 2.95 1.64
N PRO A 31 17.34 2.87 2.12
CA PRO A 31 18.51 2.63 1.26
C PRO A 31 18.53 1.22 0.70
N SER A 32 18.01 0.27 1.47
CA SER A 32 17.98 -1.13 1.05
C SER A 32 16.81 -1.38 0.11
N GLY A 33 16.74 -0.63 -0.97
CA GLY A 33 15.67 -0.79 -1.93
C GLY A 33 14.48 0.10 -1.62
N GLY A 35 10.75 2.14 -3.10
CA GLY A 35 9.65 1.97 -4.03
C GLY A 35 8.30 2.09 -3.34
N CYS A 36 7.27 2.39 -4.13
CA CYS A 36 5.91 2.53 -3.59
C CYS A 36 5.01 1.42 -4.10
N GLY A 37 4.14 0.92 -3.22
CA GLY A 37 3.23 -0.14 -3.60
C GLY A 37 2.16 -0.38 -2.55
N CYS A 38 1.07 -1.04 -2.96
CA CYS A 38 -0.02 -1.33 -2.06
C CYS A 38 0.23 -2.62 -1.28
N ALA A 39 0.25 -2.52 0.04
CA ALA A 39 0.48 -3.69 0.90
C ALA A 39 -0.24 -3.53 2.23
N CYS A 40 -0.25 -4.60 3.02
CA CYS A 40 -0.90 -4.60 4.32
C CYS A 40 0.13 -4.76 5.44
N SER A 41 -0.29 -4.46 6.66
CA SER A 41 0.59 -4.56 7.82
C SER A 41 -0.01 -5.47 8.88
N GLY A 1 -12.74 -9.99 -4.18
CA GLY A 1 -11.31 -9.75 -4.23
C GLY A 1 -10.92 -8.46 -3.52
N CYS A 2 -9.62 -8.24 -3.37
CA CYS A 2 -9.12 -7.04 -2.72
C CYS A 2 -9.40 -5.79 -3.55
N THR A 3 -9.10 -4.63 -3.00
CA THR A 3 -9.31 -3.37 -3.69
C THR A 3 -8.24 -2.35 -3.33
N ARG A 4 -7.36 -2.05 -4.30
CA ARG A 4 -6.28 -1.10 -4.08
C ARG A 4 -6.44 0.11 -5.02
N THR A 5 -6.10 1.29 -4.50
CA THR A 5 -6.20 2.51 -5.28
C THR A 5 -5.28 3.60 -4.72
N CYS A 6 -4.56 4.28 -5.60
CA CYS A 6 -3.66 5.34 -5.20
C CYS A 6 -3.62 6.46 -6.23
N GLY A 7 -3.10 7.61 -5.84
CA GLY A 7 -3.01 8.74 -6.76
C GLY A 7 -2.61 10.02 -6.05
N GLY A 8 -1.75 9.91 -5.06
CA GLY A 8 -1.31 11.07 -4.32
C GLY A 8 0.07 11.54 -4.73
N LYS A 10 3.36 11.72 -2.75
CA LYS A 10 4.39 10.75 -2.36
C LYS A 10 3.82 9.34 -2.37
N CYS A 11 3.21 8.95 -3.48
CA CYS A 11 2.62 7.62 -3.61
C CYS A 11 1.74 7.30 -2.41
N THR A 12 0.49 7.78 -2.44
CA THR A 12 -0.45 7.54 -1.36
C THR A 12 -1.78 7.04 -1.89
N GLY A 13 -2.54 6.37 -1.04
CA GLY A 13 -3.84 5.84 -1.45
C GLY A 13 -4.43 4.91 -0.42
N THR A 14 -5.50 4.22 -0.79
CA THR A 14 -6.17 3.29 0.11
C THR A 14 -6.22 1.88 -0.48
N CYS A 15 -6.16 0.88 0.39
CA CYS A 15 -6.19 -0.51 -0.06
C CYS A 15 -6.92 -1.38 0.97
N THR A 16 -7.60 -2.41 0.49
CA THR A 16 -8.32 -3.33 1.36
C THR A 16 -8.28 -4.75 0.83
N CYS A 17 -7.74 -5.66 1.63
CA CYS A 17 -7.64 -7.06 1.25
C CYS A 17 -8.16 -7.98 2.35
N THR A 18 -9.14 -8.80 2.01
CA THR A 18 -9.73 -9.73 2.97
C THR A 18 -8.66 -10.55 3.69
N ASN A 19 -7.59 -10.88 2.96
CA ASN A 19 -6.50 -11.66 3.53
C ASN A 19 -5.99 -11.02 4.83
N SER A 20 -5.99 -9.70 4.87
CA SER A 20 -5.54 -8.97 6.05
C SER A 20 -6.62 -8.01 6.54
N SER A 21 -6.24 -7.14 7.48
CA SER A 21 -7.17 -6.17 8.05
C SER A 21 -6.76 -4.75 7.68
N LYS A 22 -5.66 -4.29 8.27
CA LYS A 22 -5.16 -2.95 8.02
C LYS A 22 -4.32 -2.92 6.74
N CYS A 23 -4.88 -2.37 5.67
CA CYS A 23 -4.18 -2.28 4.40
C CYS A 23 -4.17 -0.84 3.89
N GLY A 24 -3.33 -0.58 2.89
CA GLY A 24 -3.23 0.75 2.33
C GLY A 24 -1.93 0.99 1.60
N CYS A 25 -1.89 2.01 0.76
CA CYS A 25 -0.69 2.33 0.00
C CYS A 25 0.48 2.62 0.93
N ARG A 26 1.63 2.02 0.63
CA ARG A 26 2.82 2.20 1.44
C ARG A 26 4.03 2.50 0.56
N TYR A 27 4.75 3.57 0.88
CA TYR A 27 5.93 3.96 0.13
C TYR A 27 7.20 3.77 0.95
N ASN A 28 8.18 3.08 0.38
CA ASN A 28 9.44 2.82 1.05
C ASN A 28 10.54 3.76 0.55
N VAL A 29 11.15 4.51 1.46
CA VAL A 29 12.20 5.44 1.10
C VAL A 29 13.52 5.09 1.80
N HIS A 30 13.74 3.79 2.00
CA HIS A 30 14.95 3.32 2.67
C HIS A 30 16.05 3.06 1.65
N PRO A 31 17.30 3.00 2.13
CA PRO A 31 18.48 2.77 1.29
C PRO A 31 18.52 1.34 0.75
N SER A 32 18.01 0.40 1.54
CA SER A 32 18.00 -1.01 1.14
C SER A 32 16.82 -1.29 0.21
N GLY A 33 16.75 -0.56 -0.90
CA GLY A 33 15.68 -0.75 -1.85
C GLY A 33 14.49 0.13 -1.56
N GLY A 35 10.74 2.10 -3.09
CA GLY A 35 9.65 1.92 -4.01
C GLY A 35 8.29 2.05 -3.34
N CYS A 36 7.26 2.33 -4.14
CA CYS A 36 5.91 2.48 -3.61
C CYS A 36 5.00 1.35 -4.10
N GLY A 37 4.13 0.87 -3.21
CA GLY A 37 3.22 -0.20 -3.56
C GLY A 37 2.16 -0.44 -2.51
N CYS A 38 1.07 -1.09 -2.92
CA CYS A 38 -0.03 -1.37 -2.00
C CYS A 38 0.24 -2.65 -1.20
N ALA A 39 0.24 -2.53 0.12
CA ALA A 39 0.47 -3.67 0.99
C ALA A 39 -0.27 -3.51 2.32
N CYS A 40 -0.28 -4.59 3.10
CA CYS A 40 -0.96 -4.56 4.40
C CYS A 40 0.05 -4.73 5.53
N SER A 41 -0.41 -4.46 6.76
CA SER A 41 0.45 -4.59 7.93
C SER A 41 0.96 -6.01 8.09
N GLY A 1 -12.89 -10.28 -4.09
CA GLY A 1 -11.48 -10.04 -4.30
C GLY A 1 -10.99 -8.79 -3.62
N CYS A 2 -9.67 -8.66 -3.49
CA CYS A 2 -9.08 -7.49 -2.85
C CYS A 2 -9.21 -6.26 -3.74
N THR A 3 -8.60 -5.16 -3.29
CA THR A 3 -8.65 -3.90 -4.04
C THR A 3 -7.50 -2.98 -3.65
N ARG A 4 -6.50 -2.90 -4.53
CA ARG A 4 -5.34 -2.06 -4.28
C ARG A 4 -5.25 -0.93 -5.29
N THR A 5 -5.09 0.29 -4.79
CA THR A 5 -5.01 1.46 -5.65
C THR A 5 -4.15 2.56 -5.03
N CYS A 6 -3.26 3.15 -5.82
CA CYS A 6 -2.38 4.20 -5.33
C CYS A 6 -2.12 5.23 -6.43
N GLY A 7 -1.52 6.36 -6.04
CA GLY A 7 -1.23 7.41 -7.01
C GLY A 7 -1.46 8.80 -6.43
N GLY A 8 -1.10 8.98 -5.16
CA GLY A 8 -1.27 10.27 -4.52
C GLY A 8 -0.09 11.19 -4.73
N LYS A 10 2.40 12.68 -2.22
CA LYS A 10 3.58 12.19 -1.52
C LYS A 10 3.56 10.66 -1.44
N CYS A 11 3.39 10.01 -2.58
CA CYS A 11 3.36 8.56 -2.64
C CYS A 11 2.38 8.00 -1.61
N THR A 12 1.11 7.87 -2.00
CA THR A 12 0.08 7.36 -1.11
C THR A 12 -0.99 6.61 -1.90
N GLY A 13 -1.98 6.07 -1.18
CA GLY A 13 -3.05 5.34 -1.82
C GLY A 13 -3.90 4.57 -0.84
N THR A 14 -4.89 3.85 -1.35
CA THR A 14 -5.77 3.05 -0.51
C THR A 14 -5.80 1.59 -0.95
N CYS A 15 -5.97 0.69 0.01
CA CYS A 15 -6.00 -0.73 -0.29
C CYS A 15 -6.95 -1.46 0.67
N THR A 16 -7.60 -2.51 0.18
CA THR A 16 -8.53 -3.29 0.98
C THR A 16 -8.48 -4.77 0.62
N CYS A 17 -8.22 -5.61 1.62
CA CYS A 17 -8.14 -7.05 1.39
C CYS A 17 -8.88 -7.81 2.50
N THR A 18 -9.84 -8.62 2.11
CA THR A 18 -10.62 -9.41 3.07
C THR A 18 -9.70 -10.15 4.04
N ASN A 19 -8.80 -10.95 3.50
CA ASN A 19 -7.87 -11.71 4.32
C ASN A 19 -7.14 -10.80 5.32
N SER A 20 -6.98 -9.54 4.93
CA SER A 20 -6.30 -8.57 5.77
C SER A 20 -7.31 -7.71 6.53
N SER A 21 -6.80 -6.91 7.47
CA SER A 21 -7.66 -6.05 8.27
C SER A 21 -7.22 -4.59 8.15
N LYS A 22 -5.92 -4.35 8.26
CA LYS A 22 -5.37 -3.01 8.17
C LYS A 22 -4.50 -2.87 6.93
N CYS A 23 -5.11 -2.43 5.83
CA CYS A 23 -4.40 -2.24 4.57
C CYS A 23 -4.07 -0.77 4.34
N GLY A 24 -3.28 -0.50 3.31
CA GLY A 24 -2.90 0.86 2.99
C GLY A 24 -1.62 0.95 2.19
N CYS A 25 -1.45 2.05 1.46
CA CYS A 25 -0.26 2.24 0.64
C CYS A 25 0.87 2.83 1.47
N ARG A 26 2.03 2.16 1.43
CA ARG A 26 3.20 2.62 2.17
C ARG A 26 4.32 3.04 1.22
N TYR A 27 5.07 4.06 1.63
CA TYR A 27 6.18 4.56 0.82
C TYR A 27 7.52 4.14 1.39
N ASN A 28 8.34 3.52 0.55
CA ASN A 28 9.67 3.06 0.98
C ASN A 28 10.74 4.08 0.61
N VAL A 29 11.55 4.48 1.59
CA VAL A 29 12.62 5.44 1.37
C VAL A 29 13.97 4.88 1.80
N HIS A 30 14.14 3.57 1.64
CA HIS A 30 15.38 2.92 2.02
C HIS A 30 16.35 2.85 0.83
N PRO A 31 17.63 2.63 1.13
CA PRO A 31 18.68 2.54 0.10
C PRO A 31 18.55 1.27 -0.74
N SER A 32 18.08 0.19 -0.11
CA SER A 32 17.93 -1.08 -0.80
C SER A 32 16.62 -1.10 -1.59
N GLY A 33 16.45 -0.14 -2.49
CA GLY A 33 15.24 -0.07 -3.29
C GLY A 33 14.17 0.78 -2.65
N GLY A 35 10.37 3.18 -3.16
CA GLY A 35 9.12 3.20 -3.89
C GLY A 35 7.92 2.96 -3.00
N CYS A 36 6.75 3.41 -3.45
CA CYS A 36 5.52 3.24 -2.68
C CYS A 36 4.59 2.24 -3.35
N GLY A 37 3.87 1.47 -2.54
CA GLY A 37 2.96 0.47 -3.07
C GLY A 37 1.89 0.09 -2.07
N CYS A 38 0.99 -0.80 -2.49
CA CYS A 38 -0.10 -1.25 -1.63
C CYS A 38 0.33 -2.46 -0.82
N ALA A 39 0.29 -2.33 0.50
CA ALA A 39 0.67 -3.42 1.40
C ALA A 39 -0.09 -3.34 2.72
N CYS A 40 -0.59 -4.49 3.17
CA CYS A 40 -1.34 -4.55 4.42
C CYS A 40 -0.48 -5.14 5.54
N SER A 41 -0.91 -4.90 6.78
CA SER A 41 -0.18 -5.40 7.94
C SER A 41 -0.75 -6.74 8.41
N GLY A 1 -11.96 -9.77 -5.74
CA GLY A 1 -11.51 -10.00 -4.39
C GLY A 1 -11.03 -8.72 -3.72
N CYS A 2 -9.73 -8.64 -3.45
CA CYS A 2 -9.15 -7.47 -2.80
C CYS A 2 -9.29 -6.24 -3.69
N THR A 3 -8.71 -5.13 -3.24
CA THR A 3 -8.78 -3.88 -3.99
C THR A 3 -7.63 -2.95 -3.61
N ARG A 4 -6.60 -2.91 -4.45
CA ARG A 4 -5.44 -2.07 -4.21
C ARG A 4 -5.36 -0.95 -5.24
N THR A 5 -5.16 0.27 -4.76
CA THR A 5 -5.07 1.44 -5.64
C THR A 5 -4.20 2.53 -5.02
N CYS A 6 -3.32 3.11 -5.81
CA CYS A 6 -2.42 4.17 -5.34
C CYS A 6 -2.16 5.18 -6.45
N GLY A 7 -1.57 6.31 -6.07
CA GLY A 7 -1.28 7.35 -7.04
C GLY A 7 -1.49 8.74 -6.47
N GLY A 8 -1.12 8.94 -5.21
CA GLY A 8 -1.30 10.24 -4.59
C GLY A 8 -0.09 11.14 -4.80
N LYS A 10 2.39 12.63 -2.27
CA LYS A 10 3.57 12.13 -1.58
C LYS A 10 3.53 10.62 -1.48
N CYS A 11 3.35 9.96 -2.63
CA CYS A 11 3.31 8.50 -2.67
C CYS A 11 2.33 7.95 -1.64
N THR A 12 1.06 7.84 -2.04
CA THR A 12 0.03 7.34 -1.14
C THR A 12 -1.05 6.59 -1.92
N GLY A 13 -2.03 6.06 -1.20
CA GLY A 13 -3.11 5.32 -1.84
C GLY A 13 -3.94 4.54 -0.85
N THR A 14 -4.96 3.84 -1.35
CA THR A 14 -5.85 3.06 -0.50
C THR A 14 -5.87 1.60 -0.93
N CYS A 15 -6.04 0.70 0.03
CA CYS A 15 -6.09 -0.73 -0.25
C CYS A 15 -7.02 -1.44 0.71
N THR A 16 -7.68 -2.49 0.22
CA THR A 16 -8.61 -3.26 1.04
C THR A 16 -8.57 -4.74 0.68
N CYS A 17 -8.26 -5.58 1.66
CA CYS A 17 -8.19 -7.02 1.44
C CYS A 17 -8.91 -7.78 2.55
N THR A 18 -9.88 -8.59 2.17
CA THR A 18 -10.65 -9.37 3.13
C THR A 18 -9.73 -10.11 4.10
N ASN A 19 -8.83 -10.93 3.55
CA ASN A 19 -7.89 -11.68 4.37
C ASN A 19 -7.16 -10.77 5.35
N SER A 20 -6.99 -9.50 4.97
CA SER A 20 -6.31 -8.54 5.81
C SER A 20 -7.31 -7.67 6.57
N SER A 21 -6.80 -6.88 7.50
CA SER A 21 -7.65 -6.01 8.32
C SER A 21 -7.23 -4.55 8.18
N LYS A 22 -5.93 -4.31 8.33
CA LYS A 22 -5.39 -2.96 8.22
C LYS A 22 -4.53 -2.81 6.96
N CYS A 23 -5.16 -2.39 5.86
CA CYS A 23 -4.46 -2.20 4.60
C CYS A 23 -4.14 -0.73 4.36
N GLY A 24 -3.36 -0.47 3.31
CA GLY A 24 -3.01 0.90 2.99
C GLY A 24 -1.72 0.99 2.18
N CYS A 25 -1.55 2.09 1.47
CA CYS A 25 -0.36 2.29 0.65
C CYS A 25 0.78 2.91 1.48
N ARG A 26 1.95 2.30 1.39
CA ARG A 26 3.11 2.78 2.13
C ARG A 26 4.23 3.19 1.18
N TYR A 27 5.05 4.14 1.61
CA TYR A 27 6.16 4.63 0.80
C TYR A 27 7.50 4.18 1.38
N ASN A 28 8.32 3.57 0.53
CA ASN A 28 9.63 3.10 0.96
C ASN A 28 10.72 4.10 0.60
N VAL A 29 11.54 4.45 1.59
CA VAL A 29 12.62 5.41 1.38
C VAL A 29 13.96 4.84 1.85
N HIS A 30 14.12 3.54 1.69
CA HIS A 30 15.35 2.87 2.09
C HIS A 30 16.33 2.78 0.92
N PRO A 31 17.62 2.55 1.25
CA PRO A 31 18.68 2.45 0.24
C PRO A 31 18.56 1.18 -0.60
N SER A 32 18.08 0.11 0.02
CA SER A 32 17.91 -1.16 -0.67
C SER A 32 16.61 -1.19 -1.47
N GLY A 33 16.46 -0.22 -2.37
CA GLY A 33 15.26 -0.15 -3.19
C GLY A 33 14.19 0.73 -2.56
N GLY A 35 10.41 3.14 -3.11
CA GLY A 35 9.16 3.14 -3.86
C GLY A 35 7.95 2.90 -2.98
N CYS A 36 6.79 3.35 -3.42
CA CYS A 36 5.55 3.17 -2.67
C CYS A 36 4.65 2.14 -3.33
N GLY A 37 3.77 1.53 -2.55
CA GLY A 37 2.87 0.53 -3.08
C GLY A 37 1.79 0.13 -2.08
N CYS A 38 0.91 -0.77 -2.49
CA CYS A 38 -0.17 -1.23 -1.63
C CYS A 38 0.27 -2.44 -0.81
N ALA A 39 0.22 -2.29 0.51
CA ALA A 39 0.62 -3.37 1.41
C ALA A 39 -0.16 -3.30 2.73
N CYS A 40 -0.63 -4.45 3.19
CA CYS A 40 -1.39 -4.51 4.44
C CYS A 40 -0.53 -5.09 5.56
N SER A 41 -0.97 -4.86 6.80
CA SER A 41 -0.24 -5.35 7.96
C SER A 41 -0.01 -6.86 7.86
N GLY A 1 -12.71 -10.25 -4.40
CA GLY A 1 -11.27 -10.07 -4.49
C GLY A 1 -10.79 -8.79 -3.83
N CYS A 2 -9.51 -8.73 -3.51
CA CYS A 2 -8.94 -7.56 -2.87
C CYS A 2 -9.06 -6.32 -3.75
N THR A 3 -8.49 -5.21 -3.31
CA THR A 3 -8.53 -3.97 -4.07
C THR A 3 -7.39 -3.04 -3.67
N ARG A 4 -6.42 -2.89 -4.57
CA ARG A 4 -5.27 -2.03 -4.32
C ARG A 4 -5.21 -0.89 -5.34
N THR A 5 -5.10 0.33 -4.84
CA THR A 5 -5.04 1.51 -5.70
C THR A 5 -4.21 2.61 -5.05
N CYS A 6 -3.33 3.22 -5.84
CA CYS A 6 -2.48 4.29 -5.35
C CYS A 6 -2.23 5.33 -6.45
N GLY A 7 -1.66 6.47 -6.06
CA GLY A 7 -1.39 7.53 -7.01
C GLY A 7 -1.58 8.91 -6.41
N GLY A 8 -1.18 9.07 -5.16
CA GLY A 8 -1.32 10.36 -4.49
C GLY A 8 -0.12 11.25 -4.71
N LYS A 10 2.41 12.67 -2.19
CA LYS A 10 3.59 12.15 -1.50
C LYS A 10 3.54 10.62 -1.45
N CYS A 11 3.35 9.99 -2.59
CA CYS A 11 3.28 8.54 -2.67
C CYS A 11 2.31 7.98 -1.64
N THR A 12 1.04 7.90 -2.02
CA THR A 12 0.00 7.38 -1.13
C THR A 12 -1.09 6.66 -1.91
N GLY A 13 -2.06 6.10 -1.19
CA GLY A 13 -3.15 5.40 -1.83
C GLY A 13 -3.99 4.61 -0.84
N THR A 14 -4.95 3.85 -1.36
CA THR A 14 -5.83 3.05 -0.52
C THR A 14 -5.82 1.59 -0.96
N CYS A 15 -6.00 0.69 0.01
CA CYS A 15 -6.01 -0.73 -0.28
C CYS A 15 -6.96 -1.47 0.67
N THR A 16 -7.59 -2.53 0.17
CA THR A 16 -8.52 -3.32 0.97
C THR A 16 -8.43 -4.80 0.61
N CYS A 17 -8.18 -5.63 1.61
CA CYS A 17 -8.08 -7.07 1.40
C CYS A 17 -8.82 -7.84 2.50
N THR A 18 -9.77 -8.67 2.10
CA THR A 18 -10.55 -9.46 3.04
C THR A 18 -9.64 -10.17 4.04
N ASN A 19 -8.72 -10.97 3.52
CA ASN A 19 -7.79 -11.71 4.36
C ASN A 19 -7.10 -10.79 5.36
N SER A 20 -6.94 -9.52 4.97
CA SER A 20 -6.29 -8.54 5.82
C SER A 20 -7.33 -7.69 6.55
N SER A 21 -6.85 -6.86 7.48
CA SER A 21 -7.74 -6.00 8.26
C SER A 21 -7.31 -4.54 8.14
N LYS A 22 -6.01 -4.30 8.28
CA LYS A 22 -5.47 -2.95 8.18
C LYS A 22 -4.59 -2.80 6.95
N CYS A 23 -5.19 -2.38 5.84
CA CYS A 23 -4.45 -2.20 4.60
C CYS A 23 -4.14 -0.72 4.36
N GLY A 24 -3.34 -0.45 3.33
CA GLY A 24 -2.98 0.92 3.02
C GLY A 24 -1.70 1.01 2.21
N CYS A 25 -1.54 2.12 1.48
CA CYS A 25 -0.35 2.33 0.66
C CYS A 25 0.77 2.94 1.47
N ARG A 26 1.96 2.36 1.38
CA ARG A 26 3.12 2.85 2.10
C ARG A 26 4.24 3.24 1.15
N TYR A 27 5.06 4.20 1.57
CA TYR A 27 6.18 4.67 0.73
C TYR A 27 7.51 4.21 1.32
N ASN A 28 8.32 3.56 0.48
CA ASN A 28 9.62 3.08 0.91
C ASN A 28 10.73 4.07 0.54
N VAL A 29 11.55 4.43 1.53
CA VAL A 29 12.64 5.37 1.31
C VAL A 29 13.96 4.80 1.78
N HIS A 30 14.12 3.48 1.63
CA HIS A 30 15.34 2.80 2.02
C HIS A 30 16.32 2.71 0.86
N PRO A 31 17.60 2.46 1.18
CA PRO A 31 18.66 2.33 0.17
C PRO A 31 18.52 1.06 -0.67
N SER A 32 18.02 0.00 -0.04
CA SER A 32 17.85 -1.27 -0.72
C SER A 32 16.54 -1.29 -1.52
N GLY A 33 16.39 -0.32 -2.42
CA GLY A 33 15.19 -0.24 -3.23
C GLY A 33 14.13 0.65 -2.61
N GLY A 35 10.39 3.11 -3.17
CA GLY A 35 9.14 3.14 -3.91
C GLY A 35 7.93 2.91 -3.03
N CYS A 36 6.78 3.39 -3.47
CA CYS A 36 5.54 3.24 -2.71
C CYS A 36 4.61 2.22 -3.37
N GLY A 37 3.84 1.51 -2.55
CA GLY A 37 2.93 0.51 -3.07
C GLY A 37 1.84 0.15 -2.07
N CYS A 38 0.99 -0.80 -2.44
CA CYS A 38 -0.09 -1.24 -1.58
C CYS A 38 0.34 -2.44 -0.74
N ALA A 39 0.28 -2.28 0.58
CA ALA A 39 0.65 -3.36 1.49
C ALA A 39 -0.13 -3.27 2.79
N CYS A 40 -0.59 -4.42 3.28
CA CYS A 40 -1.35 -4.47 4.52
C CYS A 40 -0.50 -5.02 5.66
N SER A 41 -0.95 -4.77 6.89
CA SER A 41 -0.23 -5.25 8.07
C SER A 41 -0.82 -6.55 8.59
N GLY A 1 -11.45 -10.46 -4.83
CA GLY A 1 -10.07 -10.27 -4.46
C GLY A 1 -9.81 -8.92 -3.82
N CYS A 2 -8.55 -8.64 -3.51
CA CYS A 2 -8.18 -7.38 -2.88
C CYS A 2 -8.36 -6.22 -3.85
N THR A 3 -8.16 -5.01 -3.35
CA THR A 3 -8.29 -3.80 -4.18
C THR A 3 -7.34 -2.71 -3.71
N ARG A 4 -6.35 -2.40 -4.54
CA ARG A 4 -5.38 -1.37 -4.21
C ARG A 4 -5.46 -0.21 -5.19
N THR A 5 -5.32 1.01 -4.67
CA THR A 5 -5.39 2.21 -5.49
C THR A 5 -4.59 3.35 -4.87
N CYS A 6 -3.82 4.04 -5.71
CA CYS A 6 -3.00 5.15 -5.25
C CYS A 6 -2.99 6.28 -6.27
N GLY A 7 -2.52 7.46 -5.85
CA GLY A 7 -2.47 8.59 -6.74
C GLY A 7 -2.22 9.90 -6.01
N GLY A 8 -1.40 9.84 -4.97
CA GLY A 8 -1.10 11.03 -4.20
C GLY A 8 0.29 11.57 -4.48
N LYS A 10 3.24 12.23 -2.14
CA LYS A 10 4.27 11.41 -1.52
C LYS A 10 3.84 9.94 -1.47
N CYS A 11 3.46 9.41 -2.63
CA CYS A 11 3.02 8.02 -2.73
C CYS A 11 1.96 7.71 -1.68
N THR A 12 0.70 7.97 -2.02
CA THR A 12 -0.41 7.72 -1.10
C THR A 12 -1.55 7.00 -1.81
N GLY A 13 -2.37 6.30 -1.05
CA GLY A 13 -3.50 5.58 -1.62
C GLY A 13 -4.18 4.68 -0.61
N THR A 14 -5.27 4.05 -1.04
CA THR A 14 -6.02 3.15 -0.17
C THR A 14 -6.01 1.72 -0.70
N CYS A 15 -6.01 0.75 0.20
CA CYS A 15 -6.00 -0.65 -0.19
C CYS A 15 -6.84 -1.49 0.77
N THR A 16 -7.46 -2.54 0.24
CA THR A 16 -8.30 -3.42 1.04
C THR A 16 -8.17 -4.88 0.58
N CYS A 17 -7.74 -5.74 1.49
CA CYS A 17 -7.57 -7.15 1.19
C CYS A 17 -8.22 -8.03 2.26
N THR A 18 -9.15 -8.89 1.83
CA THR A 18 -9.84 -9.77 2.75
C THR A 18 -8.86 -10.55 3.63
N ASN A 19 -7.72 -10.91 3.05
CA ASN A 19 -6.70 -11.64 3.79
C ASN A 19 -6.37 -10.94 5.10
N SER A 20 -6.36 -9.62 5.08
CA SER A 20 -6.05 -8.83 6.27
C SER A 20 -7.19 -7.86 6.60
N SER A 21 -6.94 -6.95 7.53
CA SER A 21 -7.94 -5.98 7.93
C SER A 21 -7.51 -4.56 7.56
N LYS A 22 -6.51 -4.06 8.26
CA LYS A 22 -5.99 -2.71 8.00
C LYS A 22 -4.98 -2.73 6.85
N CYS A 23 -5.39 -2.19 5.70
CA CYS A 23 -4.53 -2.15 4.53
C CYS A 23 -4.43 -0.72 3.98
N GLY A 24 -3.51 -0.52 3.04
CA GLY A 24 -3.33 0.80 2.45
C GLY A 24 -2.01 0.94 1.74
N CYS A 25 -1.88 2.00 0.93
CA CYS A 25 -0.65 2.24 0.18
C CYS A 25 0.50 2.56 1.13
N ARG A 26 1.65 1.93 0.88
CA ARG A 26 2.83 2.15 1.71
C ARG A 26 4.03 2.54 0.85
N TYR A 27 4.55 3.73 1.08
CA TYR A 27 5.70 4.23 0.32
C TYR A 27 7.01 3.76 0.95
N ASN A 28 7.88 3.18 0.13
CA ASN A 28 9.16 2.68 0.62
C ASN A 28 10.28 3.66 0.27
N VAL A 29 10.96 4.17 1.30
CA VAL A 29 12.05 5.11 1.10
C VAL A 29 13.36 4.56 1.67
N HIS A 30 13.53 3.25 1.57
CA HIS A 30 14.74 2.60 2.07
C HIS A 30 15.79 2.51 0.97
N PRO A 31 17.06 2.30 1.38
CA PRO A 31 18.18 2.19 0.45
C PRO A 31 18.13 0.91 -0.37
N SER A 32 17.60 -0.15 0.23
CA SER A 32 17.50 -1.44 -0.44
C SER A 32 16.28 -1.49 -1.35
N GLY A 33 16.19 -0.53 -2.27
CA GLY A 33 15.05 -0.48 -3.18
C GLY A 33 13.93 0.39 -2.66
N GLY A 35 10.22 2.71 -3.53
CA GLY A 35 9.06 2.74 -4.41
C GLY A 35 7.75 2.59 -3.65
N CYS A 36 6.67 3.08 -4.24
CA CYS A 36 5.36 2.99 -3.61
C CYS A 36 4.74 1.61 -3.80
N GLY A 37 4.41 0.96 -2.69
CA GLY A 37 3.83 -0.37 -2.75
C GLY A 37 2.71 -0.55 -1.74
N CYS A 38 1.60 -1.14 -2.19
CA CYS A 38 0.45 -1.37 -1.31
C CYS A 38 0.72 -2.57 -0.40
N ALA A 39 0.49 -2.35 0.91
CA ALA A 39 0.70 -3.41 1.88
C ALA A 39 -0.25 -3.25 3.06
N CYS A 40 -0.36 -4.29 3.89
CA CYS A 40 -1.24 -4.27 5.05
C CYS A 40 -0.43 -4.39 6.33
N SER A 41 -1.08 -4.14 7.47
CA SER A 41 -0.42 -4.22 8.76
C SER A 41 -0.52 -5.64 9.33
#